data_1DK6
# 
_entry.id   1DK6 
# 
_audit_conform.dict_name       mmcif_pdbx.dic 
_audit_conform.dict_version    5.392 
_audit_conform.dict_location   http://mmcif.pdb.org/dictionaries/ascii/mmcif_pdbx.dic 
# 
loop_
_database_2.database_id 
_database_2.database_code 
_database_2.pdbx_database_accession 
_database_2.pdbx_DOI 
PDB   1DK6         pdb_00001dk6 10.2210/pdb1dk6/pdb 
RCSB  RCSB010151   ?            ?                   
WWPDB D_1000010151 ?            ?                   
# 
loop_
_pdbx_audit_revision_history.ordinal 
_pdbx_audit_revision_history.data_content_type 
_pdbx_audit_revision_history.major_revision 
_pdbx_audit_revision_history.minor_revision 
_pdbx_audit_revision_history.revision_date 
1 'Structure model' 1 0 2000-01-11 
2 'Structure model' 1 1 2008-04-27 
3 'Structure model' 1 2 2011-07-13 
4 'Structure model' 1 3 2022-02-16 
5 'Structure model' 1 4 2024-05-22 
# 
_pdbx_audit_revision_details.ordinal             1 
_pdbx_audit_revision_details.revision_ordinal    1 
_pdbx_audit_revision_details.data_content_type   'Structure model' 
_pdbx_audit_revision_details.provider            repository 
_pdbx_audit_revision_details.type                'Initial release' 
_pdbx_audit_revision_details.description         ? 
_pdbx_audit_revision_details.details             ? 
# 
loop_
_pdbx_audit_revision_group.ordinal 
_pdbx_audit_revision_group.revision_ordinal 
_pdbx_audit_revision_group.data_content_type 
_pdbx_audit_revision_group.group 
1 2 'Structure model' 'Version format compliance' 
2 3 'Structure model' 'Version format compliance' 
3 4 'Structure model' 'Data collection'           
4 4 'Structure model' 'Database references'       
5 4 'Structure model' 'Derived calculations'      
6 5 'Structure model' 'Data collection'           
# 
loop_
_pdbx_audit_revision_category.ordinal 
_pdbx_audit_revision_category.revision_ordinal 
_pdbx_audit_revision_category.data_content_type 
_pdbx_audit_revision_category.category 
1 4 'Structure model' database_2            
2 4 'Structure model' pdbx_nmr_software     
3 4 'Structure model' pdbx_struct_assembly  
4 4 'Structure model' pdbx_struct_oper_list 
5 4 'Structure model' struct_conn           
6 5 'Structure model' chem_comp_atom        
7 5 'Structure model' chem_comp_bond        
# 
loop_
_pdbx_audit_revision_item.ordinal 
_pdbx_audit_revision_item.revision_ordinal 
_pdbx_audit_revision_item.data_content_type 
_pdbx_audit_revision_item.item 
1 4 'Structure model' '_database_2.pdbx_DOI'                
2 4 'Structure model' '_database_2.pdbx_database_accession' 
3 4 'Structure model' '_pdbx_nmr_software.name'             
4 4 'Structure model' '_struct_conn.pdbx_leaving_atom_flag' 
# 
_pdbx_database_status.status_code                     REL 
_pdbx_database_status.entry_id                        1DK6 
_pdbx_database_status.recvd_initial_deposition_date   1999-12-06 
_pdbx_database_status.deposit_site                    RCSB 
_pdbx_database_status.process_site                    RCSB 
_pdbx_database_status.status_code_sf                  ? 
_pdbx_database_status.status_code_mr                  ? 
_pdbx_database_status.SG_entry                        ? 
_pdbx_database_status.pdb_format_compatible           Y 
_pdbx_database_status.status_code_cs                  ? 
_pdbx_database_status.status_code_nmr_data            ? 
_pdbx_database_status.methods_development_category    ? 
# 
loop_
_audit_author.name 
_audit_author.pdbx_ordinal 
'Klewer, D.A.'    1 
'Hoskins, A.'     2 
'Davisson, V.J.'  3 
'Bergstrom, D.E.' 4 
'LiWang, A.C.'    5 
# 
_citation.id                        primary 
_citation.title                     
;NMR structure of a DNA duplex containing nucleoside analog 1-(2'-deoxy-beta-D-ribofuranosyl)-3-nitropyrrole and the structure of the unmodified control.
;
_citation.journal_abbrev            'Nucleic Acids Res.' 
_citation.journal_volume            28 
_citation.page_first                4514 
_citation.page_last                 4522 
_citation.year                      2000 
_citation.journal_id_ASTM           NARHAD 
_citation.country                   UK 
_citation.journal_id_ISSN           0305-1048 
_citation.journal_id_CSD            0389 
_citation.book_publisher            ? 
_citation.pdbx_database_id_PubMed   11071940 
_citation.pdbx_database_id_DOI      10.1093/nar/28.22.4514 
# 
loop_
_citation_author.citation_id 
_citation_author.name 
_citation_author.ordinal 
_citation_author.identifier_ORCID 
primary 'Klewer, D.A.'    1 ? 
primary 'Hoskins, A.'     2 ? 
primary 'Zhang, P.'       3 ? 
primary 'Davisson, V.J.'  4 ? 
primary 'Bergstrom, D.E.' 5 ? 
primary 'LiWang, A.C.'    6 ? 
# 
loop_
_entity.id 
_entity.type 
_entity.src_method 
_entity.pdbx_description 
_entity.formula_weight 
_entity.pdbx_number_of_molecules 
_entity.pdbx_ec 
_entity.pdbx_mutation 
_entity.pdbx_fragment 
_entity.details 
1 polymer syn "5'-D(CP*AP*TP*GP*AP*GP*TP*AP*CP*)-3'"     2739.824 1 ? ? ? ? 
2 polymer syn "5'-D(GP*TP*AP*CP*(NP3)P*CP*AP*TP*GP*)-3'" 2716.784 1 ? ? ? ? 
# 
loop_
_entity_poly.entity_id 
_entity_poly.type 
_entity_poly.nstd_linkage 
_entity_poly.nstd_monomer 
_entity_poly.pdbx_seq_one_letter_code 
_entity_poly.pdbx_seq_one_letter_code_can 
_entity_poly.pdbx_strand_id 
_entity_poly.pdbx_target_identifier 
1 polydeoxyribonucleotide no no  '(DC)(DA)(DT)(DG)(DA)(DG)(DT)(DA)(DC)'  CATGAGTAC A ? 
2 polydeoxyribonucleotide no yes '(DG)(DT)(DA)(DC)(NP3)(DC)(DA)(DT)(DG)' GTACNCATG B ? 
# 
loop_
_entity_poly_seq.entity_id 
_entity_poly_seq.num 
_entity_poly_seq.mon_id 
_entity_poly_seq.hetero 
1 1 DC  n 
1 2 DA  n 
1 3 DT  n 
1 4 DG  n 
1 5 DA  n 
1 6 DG  n 
1 7 DT  n 
1 8 DA  n 
1 9 DC  n 
2 1 DG  n 
2 2 DT  n 
2 3 DA  n 
2 4 DC  n 
2 5 NP3 n 
2 6 DC  n 
2 7 DA  n 
2 8 DT  n 
2 9 DG  n 
# 
loop_
_pdbx_entity_src_syn.entity_id 
_pdbx_entity_src_syn.pdbx_src_id 
_pdbx_entity_src_syn.pdbx_alt_source_flag 
_pdbx_entity_src_syn.pdbx_beg_seq_num 
_pdbx_entity_src_syn.pdbx_end_seq_num 
_pdbx_entity_src_syn.organism_scientific 
_pdbx_entity_src_syn.organism_common_name 
_pdbx_entity_src_syn.ncbi_taxonomy_id 
_pdbx_entity_src_syn.details 
1 1 sample ? ? ? ? ? 'THIS SEQUENCE WAS CHEMICALLY SYNTHESIZED' 
2 1 sample ? ? ? ? ? 'THIS SEQUENCE WAS CHEMICALLY SYNTHESIZED' 
# 
loop_
_chem_comp.id 
_chem_comp.type 
_chem_comp.mon_nstd_flag 
_chem_comp.name 
_chem_comp.pdbx_synonyms 
_chem_comp.formula 
_chem_comp.formula_weight 
DA  'DNA linking' y "2'-DEOXYADENOSINE-5'-MONOPHOSPHATE"                         ? 'C10 H14 N5 O6 P' 331.222 
DC  'DNA linking' y "2'-DEOXYCYTIDINE-5'-MONOPHOSPHATE"                          ? 'C9 H14 N3 O7 P'  307.197 
DG  'DNA linking' y "2'-DEOXYGUANOSINE-5'-MONOPHOSPHATE"                         ? 'C10 H14 N5 O7 P' 347.221 
DT  'DNA linking' y "THYMIDINE-5'-MONOPHOSPHATE"                                 ? 'C10 H15 N2 O8 P' 322.208 
NP3 'DNA linking' . "1-[2-DEOXY-RIBOFURANOSYL]-1H-[3-NITRO-PYRROL]-5'-PHOSPHATE" ? 'C9 H13 N2 O8 P'  308.182 
# 
loop_
_pdbx_poly_seq_scheme.asym_id 
_pdbx_poly_seq_scheme.entity_id 
_pdbx_poly_seq_scheme.seq_id 
_pdbx_poly_seq_scheme.mon_id 
_pdbx_poly_seq_scheme.ndb_seq_num 
_pdbx_poly_seq_scheme.pdb_seq_num 
_pdbx_poly_seq_scheme.auth_seq_num 
_pdbx_poly_seq_scheme.pdb_mon_id 
_pdbx_poly_seq_scheme.auth_mon_id 
_pdbx_poly_seq_scheme.pdb_strand_id 
_pdbx_poly_seq_scheme.pdb_ins_code 
_pdbx_poly_seq_scheme.hetero 
A 1 1 DC  1 1  1  DC  CYT A . n 
A 1 2 DA  2 2  2  DA  ADE A . n 
A 1 3 DT  3 3  3  DT  THY A . n 
A 1 4 DG  4 4  4  DG  GUA A . n 
A 1 5 DA  5 5  5  DA  ADE A . n 
A 1 6 DG  6 6  6  DG  GUA A . n 
A 1 7 DT  7 7  7  DT  THY A . n 
A 1 8 DA  8 8  8  DA  ADE A . n 
A 1 9 DC  9 9  9  DC  CYT A . n 
B 2 1 DG  1 10 10 DG  GUA B . n 
B 2 2 DT  2 11 11 DT  THY B . n 
B 2 3 DA  3 12 12 DA  ADE B . n 
B 2 4 DC  4 13 13 DC  CYT B . n 
B 2 5 NP3 5 14 14 NP3 NP3 B . n 
B 2 6 DC  6 15 15 DC  CYT B . n 
B 2 7 DA  7 16 16 DA  ADE B . n 
B 2 8 DT  8 17 17 DT  THY B . n 
B 2 9 DG  9 18 18 DG  G   B . n 
# 
_cell.entry_id           1DK6 
_cell.length_a           1.000 
_cell.length_b           1.000 
_cell.length_c           1.000 
_cell.angle_alpha        90.00 
_cell.angle_beta         90.00 
_cell.angle_gamma        90.00 
_cell.Z_PDB              1 
_cell.pdbx_unique_axis   ? 
# 
_symmetry.entry_id                         1DK6 
_symmetry.space_group_name_H-M             'P 1' 
_symmetry.pdbx_full_space_group_name_H-M   ? 
_symmetry.cell_setting                     ? 
_symmetry.Int_Tables_number                1 
# 
_exptl.entry_id          1DK6 
_exptl.method            'SOLUTION NMR' 
_exptl.crystals_number   ? 
# 
_struct.entry_id                  1DK6 
_struct.title                     'NMR structure analysis of the DNA nine base pair duplex D(CATGAGTAC) D(GTAC(NP3)CATG)' 
_struct.pdbx_model_details        ? 
_struct.pdbx_CASP_flag            ? 
_struct.pdbx_model_type_details   ? 
# 
_struct_keywords.entry_id        1DK6 
_struct_keywords.pdbx_keywords   DNA 
_struct_keywords.text            'DNA DOUBLE HELIX, 3-NITROPYRROLE, DNA' 
# 
loop_
_struct_asym.id 
_struct_asym.pdbx_blank_PDB_chainid_flag 
_struct_asym.pdbx_modified 
_struct_asym.entity_id 
_struct_asym.details 
A N N 1 ? 
B N N 2 ? 
# 
loop_
_struct_ref.id 
_struct_ref.entity_id 
_struct_ref.db_name 
_struct_ref.db_code 
_struct_ref.pdbx_db_accession 
_struct_ref.pdbx_db_isoform 
_struct_ref.pdbx_seq_one_letter_code 
_struct_ref.pdbx_align_begin 
1 1 PDB 1DK6 1DK6 ? ? ? 
2 2 PDB 1DK6 1DK6 ? ? ? 
# 
loop_
_struct_ref_seq.align_id 
_struct_ref_seq.ref_id 
_struct_ref_seq.pdbx_PDB_id_code 
_struct_ref_seq.pdbx_strand_id 
_struct_ref_seq.seq_align_beg 
_struct_ref_seq.pdbx_seq_align_beg_ins_code 
_struct_ref_seq.seq_align_end 
_struct_ref_seq.pdbx_seq_align_end_ins_code 
_struct_ref_seq.pdbx_db_accession 
_struct_ref_seq.db_align_beg 
_struct_ref_seq.pdbx_db_align_beg_ins_code 
_struct_ref_seq.db_align_end 
_struct_ref_seq.pdbx_db_align_end_ins_code 
_struct_ref_seq.pdbx_auth_seq_align_beg 
_struct_ref_seq.pdbx_auth_seq_align_end 
1 1 1DK6 A 1 ? 9 ? 1DK6 1  ? 9  ? 1  9  
2 2 1DK6 B 1 ? 9 ? 1DK6 10 ? 18 ? 10 18 
# 
_pdbx_struct_assembly.id                   1 
_pdbx_struct_assembly.details              author_defined_assembly 
_pdbx_struct_assembly.method_details       ? 
_pdbx_struct_assembly.oligomeric_details   dimeric 
_pdbx_struct_assembly.oligomeric_count     2 
# 
_pdbx_struct_assembly_gen.assembly_id       1 
_pdbx_struct_assembly_gen.oper_expression   1 
_pdbx_struct_assembly_gen.asym_id_list      A,B 
# 
_pdbx_struct_oper_list.id                   1 
_pdbx_struct_oper_list.type                 'identity operation' 
_pdbx_struct_oper_list.name                 1_555 
_pdbx_struct_oper_list.symmetry_operation   x,y,z 
_pdbx_struct_oper_list.matrix[1][1]         1.0000000000 
_pdbx_struct_oper_list.matrix[1][2]         0.0000000000 
_pdbx_struct_oper_list.matrix[1][3]         0.0000000000 
_pdbx_struct_oper_list.vector[1]            0.0000000000 
_pdbx_struct_oper_list.matrix[2][1]         0.0000000000 
_pdbx_struct_oper_list.matrix[2][2]         1.0000000000 
_pdbx_struct_oper_list.matrix[2][3]         0.0000000000 
_pdbx_struct_oper_list.vector[2]            0.0000000000 
_pdbx_struct_oper_list.matrix[3][1]         0.0000000000 
_pdbx_struct_oper_list.matrix[3][2]         0.0000000000 
_pdbx_struct_oper_list.matrix[3][3]         1.0000000000 
_pdbx_struct_oper_list.vector[3]            0.0000000000 
# 
_struct_biol.id   1 
# 
loop_
_struct_conn.id 
_struct_conn.conn_type_id 
_struct_conn.pdbx_leaving_atom_flag 
_struct_conn.pdbx_PDB_id 
_struct_conn.ptnr1_label_asym_id 
_struct_conn.ptnr1_label_comp_id 
_struct_conn.ptnr1_label_seq_id 
_struct_conn.ptnr1_label_atom_id 
_struct_conn.pdbx_ptnr1_label_alt_id 
_struct_conn.pdbx_ptnr1_PDB_ins_code 
_struct_conn.pdbx_ptnr1_standard_comp_id 
_struct_conn.ptnr1_symmetry 
_struct_conn.ptnr2_label_asym_id 
_struct_conn.ptnr2_label_comp_id 
_struct_conn.ptnr2_label_seq_id 
_struct_conn.ptnr2_label_atom_id 
_struct_conn.pdbx_ptnr2_label_alt_id 
_struct_conn.pdbx_ptnr2_PDB_ins_code 
_struct_conn.ptnr1_auth_asym_id 
_struct_conn.ptnr1_auth_comp_id 
_struct_conn.ptnr1_auth_seq_id 
_struct_conn.ptnr2_auth_asym_id 
_struct_conn.ptnr2_auth_comp_id 
_struct_conn.ptnr2_auth_seq_id 
_struct_conn.ptnr2_symmetry 
_struct_conn.pdbx_ptnr3_label_atom_id 
_struct_conn.pdbx_ptnr3_label_seq_id 
_struct_conn.pdbx_ptnr3_label_comp_id 
_struct_conn.pdbx_ptnr3_label_asym_id 
_struct_conn.pdbx_ptnr3_label_alt_id 
_struct_conn.pdbx_ptnr3_PDB_ins_code 
_struct_conn.details 
_struct_conn.pdbx_dist_value 
_struct_conn.pdbx_value_order 
_struct_conn.pdbx_role 
covale1  covale both ? B DC  4 "O3'" ? ? ? 1_555 B NP3 5 P  ? ? B DC  13 B NP3 14 1_555 ? ? ? ? ? ? ?            1.624 ? ? 
covale2  covale both ? B NP3 5 "O3'" ? ? ? 1_555 B DC  6 P  ? ? B NP3 14 B DC  15 1_555 ? ? ? ? ? ? ?            1.621 ? ? 
hydrog1  hydrog ?    ? A DC  1 N3    ? ? ? 1_555 B DG  9 N1 ? ? A DC  1  B DG  18 1_555 ? ? ? ? ? ? WATSON-CRICK ?     ? ? 
hydrog2  hydrog ?    ? A DC  1 N4    ? ? ? 1_555 B DG  9 O6 ? ? A DC  1  B DG  18 1_555 ? ? ? ? ? ? WATSON-CRICK ?     ? ? 
hydrog3  hydrog ?    ? A DC  1 O2    ? ? ? 1_555 B DG  9 N2 ? ? A DC  1  B DG  18 1_555 ? ? ? ? ? ? WATSON-CRICK ?     ? ? 
hydrog4  hydrog ?    ? A DA  2 N1    ? ? ? 1_555 B DT  8 N3 ? ? A DA  2  B DT  17 1_555 ? ? ? ? ? ? WATSON-CRICK ?     ? ? 
hydrog5  hydrog ?    ? A DA  2 N6    ? ? ? 1_555 B DT  8 O4 ? ? A DA  2  B DT  17 1_555 ? ? ? ? ? ? WATSON-CRICK ?     ? ? 
hydrog6  hydrog ?    ? A DT  3 N3    ? ? ? 1_555 B DA  7 N1 ? ? A DT  3  B DA  16 1_555 ? ? ? ? ? ? WATSON-CRICK ?     ? ? 
hydrog7  hydrog ?    ? A DT  3 O4    ? ? ? 1_555 B DA  7 N6 ? ? A DT  3  B DA  16 1_555 ? ? ? ? ? ? WATSON-CRICK ?     ? ? 
hydrog8  hydrog ?    ? A DG  4 N1    ? ? ? 1_555 B DC  6 N3 ? ? A DG  4  B DC  15 1_555 ? ? ? ? ? ? WATSON-CRICK ?     ? ? 
hydrog9  hydrog ?    ? A DG  4 N2    ? ? ? 1_555 B DC  6 O2 ? ? A DG  4  B DC  15 1_555 ? ? ? ? ? ? WATSON-CRICK ?     ? ? 
hydrog10 hydrog ?    ? A DG  4 O6    ? ? ? 1_555 B DC  6 N4 ? ? A DG  4  B DC  15 1_555 ? ? ? ? ? ? WATSON-CRICK ?     ? ? 
hydrog11 hydrog ?    ? A DG  6 N1    ? ? ? 1_555 B DC  4 N3 ? ? A DG  6  B DC  13 1_555 ? ? ? ? ? ? WATSON-CRICK ?     ? ? 
hydrog12 hydrog ?    ? A DG  6 N2    ? ? ? 1_555 B DC  4 O2 ? ? A DG  6  B DC  13 1_555 ? ? ? ? ? ? WATSON-CRICK ?     ? ? 
hydrog13 hydrog ?    ? A DG  6 O6    ? ? ? 1_555 B DC  4 N4 ? ? A DG  6  B DC  13 1_555 ? ? ? ? ? ? WATSON-CRICK ?     ? ? 
hydrog14 hydrog ?    ? A DT  7 N3    ? ? ? 1_555 B DA  3 N1 ? ? A DT  7  B DA  12 1_555 ? ? ? ? ? ? WATSON-CRICK ?     ? ? 
hydrog15 hydrog ?    ? A DT  7 O4    ? ? ? 1_555 B DA  3 N6 ? ? A DT  7  B DA  12 1_555 ? ? ? ? ? ? WATSON-CRICK ?     ? ? 
hydrog16 hydrog ?    ? A DA  8 N1    ? ? ? 1_555 B DT  2 N3 ? ? A DA  8  B DT  11 1_555 ? ? ? ? ? ? WATSON-CRICK ?     ? ? 
hydrog17 hydrog ?    ? A DA  8 N6    ? ? ? 1_555 B DT  2 O4 ? ? A DA  8  B DT  11 1_555 ? ? ? ? ? ? WATSON-CRICK ?     ? ? 
hydrog18 hydrog ?    ? A DC  9 N3    ? ? ? 1_555 B DG  1 N1 ? ? A DC  9  B DG  10 1_555 ? ? ? ? ? ? WATSON-CRICK ?     ? ? 
hydrog19 hydrog ?    ? A DC  9 N4    ? ? ? 1_555 B DG  1 O6 ? ? A DC  9  B DG  10 1_555 ? ? ? ? ? ? WATSON-CRICK ?     ? ? 
hydrog20 hydrog ?    ? A DC  9 O2    ? ? ? 1_555 B DG  1 N2 ? ? A DC  9  B DG  10 1_555 ? ? ? ? ? ? WATSON-CRICK ?     ? ? 
# 
loop_
_struct_conn_type.id 
_struct_conn_type.criteria 
_struct_conn_type.reference 
covale ? ? 
hydrog ? ? 
# 
loop_
_pdbx_validate_close_contact.id 
_pdbx_validate_close_contact.PDB_model_num 
_pdbx_validate_close_contact.auth_atom_id_1 
_pdbx_validate_close_contact.auth_asym_id_1 
_pdbx_validate_close_contact.auth_comp_id_1 
_pdbx_validate_close_contact.auth_seq_id_1 
_pdbx_validate_close_contact.PDB_ins_code_1 
_pdbx_validate_close_contact.label_alt_id_1 
_pdbx_validate_close_contact.auth_atom_id_2 
_pdbx_validate_close_contact.auth_asym_id_2 
_pdbx_validate_close_contact.auth_comp_id_2 
_pdbx_validate_close_contact.auth_seq_id_2 
_pdbx_validate_close_contact.PDB_ins_code_2 
_pdbx_validate_close_contact.label_alt_id_2 
_pdbx_validate_close_contact.dist 
1 1 H41 A DC 1 ? ? O6  B DG 18 ? ? 1.47 
2 1 H21 A DG 4 ? ? O2  B DC 15 ? ? 1.50 
3 1 O2  A DC 9 ? ? H21 B DG 10 ? ? 1.52 
4 1 O6  A DG 4 ? ? H41 B DC 15 ? ? 1.52 
5 1 H21 A DG 6 ? ? O2  B DC 13 ? ? 1.54 
6 1 H1  A DG 4 ? ? N3  B DC 15 ? ? 1.58 
7 1 H3  A DT 7 ? ? N1  B DA 12 ? ? 1.59 
8 1 H3  A DT 3 ? ? N1  B DA 16 ? ? 1.59 
# 
loop_
_pdbx_validate_rmsd_bond.id 
_pdbx_validate_rmsd_bond.PDB_model_num 
_pdbx_validate_rmsd_bond.auth_atom_id_1 
_pdbx_validate_rmsd_bond.auth_asym_id_1 
_pdbx_validate_rmsd_bond.auth_comp_id_1 
_pdbx_validate_rmsd_bond.auth_seq_id_1 
_pdbx_validate_rmsd_bond.PDB_ins_code_1 
_pdbx_validate_rmsd_bond.label_alt_id_1 
_pdbx_validate_rmsd_bond.auth_atom_id_2 
_pdbx_validate_rmsd_bond.auth_asym_id_2 
_pdbx_validate_rmsd_bond.auth_comp_id_2 
_pdbx_validate_rmsd_bond.auth_seq_id_2 
_pdbx_validate_rmsd_bond.PDB_ins_code_2 
_pdbx_validate_rmsd_bond.label_alt_id_2 
_pdbx_validate_rmsd_bond.bond_value 
_pdbx_validate_rmsd_bond.bond_target_value 
_pdbx_validate_rmsd_bond.bond_deviation 
_pdbx_validate_rmsd_bond.bond_standard_deviation 
_pdbx_validate_rmsd_bond.linker_flag 
1 1 C5 A DT 3  ? ? C7 A DT 3  ? ? 1.533 1.496 0.037 0.006 N 
2 1 C5 B DT 11 ? ? C7 B DT 11 ? ? 1.532 1.496 0.036 0.006 N 
# 
loop_
_pdbx_validate_rmsd_angle.id 
_pdbx_validate_rmsd_angle.PDB_model_num 
_pdbx_validate_rmsd_angle.auth_atom_id_1 
_pdbx_validate_rmsd_angle.auth_asym_id_1 
_pdbx_validate_rmsd_angle.auth_comp_id_1 
_pdbx_validate_rmsd_angle.auth_seq_id_1 
_pdbx_validate_rmsd_angle.PDB_ins_code_1 
_pdbx_validate_rmsd_angle.label_alt_id_1 
_pdbx_validate_rmsd_angle.auth_atom_id_2 
_pdbx_validate_rmsd_angle.auth_asym_id_2 
_pdbx_validate_rmsd_angle.auth_comp_id_2 
_pdbx_validate_rmsd_angle.auth_seq_id_2 
_pdbx_validate_rmsd_angle.PDB_ins_code_2 
_pdbx_validate_rmsd_angle.label_alt_id_2 
_pdbx_validate_rmsd_angle.auth_atom_id_3 
_pdbx_validate_rmsd_angle.auth_asym_id_3 
_pdbx_validate_rmsd_angle.auth_comp_id_3 
_pdbx_validate_rmsd_angle.auth_seq_id_3 
_pdbx_validate_rmsd_angle.PDB_ins_code_3 
_pdbx_validate_rmsd_angle.label_alt_id_3 
_pdbx_validate_rmsd_angle.angle_value 
_pdbx_validate_rmsd_angle.angle_target_value 
_pdbx_validate_rmsd_angle.angle_deviation 
_pdbx_validate_rmsd_angle.angle_standard_deviation 
_pdbx_validate_rmsd_angle.linker_flag 
1  1 "O4'" A DA 2  ? ? "C1'" A DA 2  ? ? "C2'" A DA 2  ? ? 101.05 105.90 -4.85 0.80 N 
2  1 "O4'" A DA 2  ? ? "C1'" A DA 2  ? ? N9    A DA 2  ? ? 111.03 108.30 2.73  0.30 N 
3  1 N7    A DA 2  ? ? C8    A DA 2  ? ? N9    A DA 2  ? ? 116.86 113.80 3.06  0.50 N 
4  1 "O4'" A DG 4  ? ? "C1'" A DG 4  ? ? N9    A DG 4  ? ? 111.81 108.30 3.51  0.30 N 
5  1 N7    A DG 4  ? ? C8    A DG 4  ? ? N9    A DG 4  ? ? 116.67 113.10 3.57  0.50 N 
6  1 "O4'" A DA 5  ? ? "C1'" A DA 5  ? ? N9    A DA 5  ? ? 110.98 108.30 2.68  0.30 N 
7  1 N7    A DA 5  ? ? C8    A DA 5  ? ? N9    A DA 5  ? ? 116.88 113.80 3.08  0.50 N 
8  1 N7    A DG 6  ? ? C8    A DG 6  ? ? N9    A DG 6  ? ? 116.70 113.10 3.60  0.50 N 
9  1 N7    A DA 8  ? ? C8    A DA 8  ? ? N9    A DA 8  ? ? 117.18 113.80 3.38  0.50 N 
10 1 "O4'" A DC 9  ? ? "C1'" A DC 9  ? ? N1    A DC 9  ? ? 115.43 108.30 7.13  0.30 N 
11 1 N7    B DG 10 ? ? C8    B DG 10 ? ? N9    B DG 10 ? ? 116.50 113.10 3.40  0.50 N 
12 1 C8    B DG 10 ? ? N9    B DG 10 ? ? C4    B DG 10 ? ? 103.98 106.40 -2.42 0.40 N 
13 1 "C5'" B DA 12 ? ? "C4'" B DA 12 ? ? "O4'" B DA 12 ? ? 117.01 109.80 7.21  1.10 N 
14 1 "O4'" B DC 13 ? ? "C1'" B DC 13 ? ? N1    B DC 13 ? ? 113.34 108.30 5.04  0.30 N 
15 1 "C5'" B DC 15 ? ? "C4'" B DC 15 ? ? "O4'" B DC 15 ? ? 116.45 109.80 6.65  1.10 N 
16 1 "O4'" B DC 15 ? ? "C1'" B DC 15 ? ? N1    B DC 15 ? ? 112.74 108.30 4.44  0.30 N 
17 1 "O4'" B DA 16 ? ? "C1'" B DA 16 ? ? "C2'" B DA 16 ? ? 101.01 105.90 -4.89 0.80 N 
18 1 N7    B DA 16 ? ? C8    B DA 16 ? ? N9    B DA 16 ? ? 117.20 113.80 3.40  0.50 N 
19 1 C4    B DT 17 ? ? C5    B DT 17 ? ? C7    B DT 17 ? ? 123.14 119.00 4.14  0.60 N 
20 1 C6    B DT 17 ? ? C5    B DT 17 ? ? C7    B DT 17 ? ? 116.55 122.90 -6.35 0.60 N 
21 1 "O4'" B DG 18 ? ? "C1'" B DG 18 ? ? N9    B DG 18 ? ? 110.45 108.30 2.15  0.30 N 
22 1 N7    B DG 18 ? ? C8    B DG 18 ? ? N9    B DG 18 ? ? 116.82 113.10 3.72  0.50 N 
# 
loop_
_pdbx_validate_planes.id 
_pdbx_validate_planes.PDB_model_num 
_pdbx_validate_planes.auth_comp_id 
_pdbx_validate_planes.auth_asym_id 
_pdbx_validate_planes.auth_seq_id 
_pdbx_validate_planes.PDB_ins_code 
_pdbx_validate_planes.label_alt_id 
_pdbx_validate_planes.rmsd 
_pdbx_validate_planes.type 
1 1 DG A 4  ? ? 0.088 'SIDE CHAIN' 
2 1 DG A 6  ? ? 0.080 'SIDE CHAIN' 
3 1 DG B 10 ? ? 0.104 'SIDE CHAIN' 
4 1 DC B 13 ? ? 0.111 'SIDE CHAIN' 
5 1 DA B 16 ? ? 0.119 'SIDE CHAIN' 
6 1 DT B 17 ? ? 0.079 'SIDE CHAIN' 
7 1 DG B 18 ? ? 0.080 'SIDE CHAIN' 
# 
_pdbx_nmr_ensemble.entry_id                                      1DK6 
_pdbx_nmr_ensemble.conformers_calculated_total_number            ? 
_pdbx_nmr_ensemble.conformers_submitted_total_number             1 
_pdbx_nmr_ensemble.conformer_selection_criteria                  ? 
_pdbx_nmr_ensemble.average_constraints_per_residue               ? 
_pdbx_nmr_ensemble.average_constraint_violations_per_residue     ? 
_pdbx_nmr_ensemble.maximum_distance_constraint_violation         ? 
_pdbx_nmr_ensemble.average_distance_constraint_violation         ? 
_pdbx_nmr_ensemble.maximum_upper_distance_constraint_violation   ? 
_pdbx_nmr_ensemble.maximum_lower_distance_constraint_violation   ? 
_pdbx_nmr_ensemble.distance_constraint_violation_method          ? 
_pdbx_nmr_ensemble.maximum_torsion_angle_constraint_violation    ? 
_pdbx_nmr_ensemble.average_torsion_angle_constraint_violation    ? 
_pdbx_nmr_ensemble.torsion_angle_constraint_violation_method     ? 
# 
_pdbx_nmr_sample_details.solution_id      1 
_pdbx_nmr_sample_details.contents         '4.5MM DUPLEX; 100MM NACL, 10MM NAOP, 1MM EDTA, PH 7' 
_pdbx_nmr_sample_details.solvent_system   ? 
# 
_pdbx_nmr_exptl_sample_conditions.conditions_id       1 
_pdbx_nmr_exptl_sample_conditions.temperature         285 
_pdbx_nmr_exptl_sample_conditions.pressure            AMBIENT 
_pdbx_nmr_exptl_sample_conditions.pH                  7 
_pdbx_nmr_exptl_sample_conditions.ionic_strength      ? 
_pdbx_nmr_exptl_sample_conditions.pressure_units      ? 
_pdbx_nmr_exptl_sample_conditions.temperature_units   K 
# 
loop_
_pdbx_nmr_exptl.experiment_id 
_pdbx_nmr_exptl.conditions_id 
_pdbx_nmr_exptl.type 
_pdbx_nmr_exptl.solution_id 
1 1 '2D NOESY' 1 
2 1 DQF-COSY   1 
# 
_pdbx_nmr_refine.entry_id           1DK6 
_pdbx_nmr_refine.method             'SIMULATED ANNEALING MOLECULAR DYNAMICS' 
_pdbx_nmr_refine.details            
;THE STRUCTURE IS BASED ON A TOTAL OF 624 RESTRAINTS, 198 ARE DERIVED FROM 
ASSIGNED NOES, 394 ARE LOWER BOUND NOE-DERIVED RESTRAINTS TO UNASSIGN 1H5*/2H5*
 PROTONS, AND 32 ARE DIHEDRAL ANGLE RESTRAINTS
;
_pdbx_nmr_refine.software_ordinal   1 
# 
loop_
_pdbx_nmr_software.classification 
_pdbx_nmr_software.name 
_pdbx_nmr_software.version 
_pdbx_nmr_software.authors 
_pdbx_nmr_software.ordinal 
'structure solution'          CORMA     5.2    LIU              1 
'iterative matrix relaxation' MARDIGRAS 5.2    'BORGIAS, JAMES' 2 
processing                    NMRPipe   1.7    DELAGLIO         3 
refinement                    X-PLOR    V3.840 BRUNGER          4 
collection                    VNMR      6.1B   VARIAN           5 
'data analysis'               Sparky    3.74   'DAY, KNELLER'   6 
# 
loop_
_chem_comp_atom.comp_id 
_chem_comp_atom.atom_id 
_chem_comp_atom.type_symbol 
_chem_comp_atom.pdbx_aromatic_flag 
_chem_comp_atom.pdbx_stereo_config 
_chem_comp_atom.pdbx_ordinal 
DA  OP3    O N N 1   
DA  P      P N N 2   
DA  OP1    O N N 3   
DA  OP2    O N N 4   
DA  "O5'"  O N N 5   
DA  "C5'"  C N N 6   
DA  "C4'"  C N R 7   
DA  "O4'"  O N N 8   
DA  "C3'"  C N S 9   
DA  "O3'"  O N N 10  
DA  "C2'"  C N N 11  
DA  "C1'"  C N R 12  
DA  N9     N Y N 13  
DA  C8     C Y N 14  
DA  N7     N Y N 15  
DA  C5     C Y N 16  
DA  C6     C Y N 17  
DA  N6     N N N 18  
DA  N1     N Y N 19  
DA  C2     C Y N 20  
DA  N3     N Y N 21  
DA  C4     C Y N 22  
DA  HOP3   H N N 23  
DA  HOP2   H N N 24  
DA  "H5'"  H N N 25  
DA  "H5''" H N N 26  
DA  "H4'"  H N N 27  
DA  "H3'"  H N N 28  
DA  "HO3'" H N N 29  
DA  "H2'"  H N N 30  
DA  "H2''" H N N 31  
DA  "H1'"  H N N 32  
DA  H8     H N N 33  
DA  H61    H N N 34  
DA  H62    H N N 35  
DA  H2     H N N 36  
DC  OP3    O N N 37  
DC  P      P N N 38  
DC  OP1    O N N 39  
DC  OP2    O N N 40  
DC  "O5'"  O N N 41  
DC  "C5'"  C N N 42  
DC  "C4'"  C N R 43  
DC  "O4'"  O N N 44  
DC  "C3'"  C N S 45  
DC  "O3'"  O N N 46  
DC  "C2'"  C N N 47  
DC  "C1'"  C N R 48  
DC  N1     N N N 49  
DC  C2     C N N 50  
DC  O2     O N N 51  
DC  N3     N N N 52  
DC  C4     C N N 53  
DC  N4     N N N 54  
DC  C5     C N N 55  
DC  C6     C N N 56  
DC  HOP3   H N N 57  
DC  HOP2   H N N 58  
DC  "H5'"  H N N 59  
DC  "H5''" H N N 60  
DC  "H4'"  H N N 61  
DC  "H3'"  H N N 62  
DC  "HO3'" H N N 63  
DC  "H2'"  H N N 64  
DC  "H2''" H N N 65  
DC  "H1'"  H N N 66  
DC  H41    H N N 67  
DC  H42    H N N 68  
DC  H5     H N N 69  
DC  H6     H N N 70  
DG  OP3    O N N 71  
DG  P      P N N 72  
DG  OP1    O N N 73  
DG  OP2    O N N 74  
DG  "O5'"  O N N 75  
DG  "C5'"  C N N 76  
DG  "C4'"  C N R 77  
DG  "O4'"  O N N 78  
DG  "C3'"  C N S 79  
DG  "O3'"  O N N 80  
DG  "C2'"  C N N 81  
DG  "C1'"  C N R 82  
DG  N9     N Y N 83  
DG  C8     C Y N 84  
DG  N7     N Y N 85  
DG  C5     C Y N 86  
DG  C6     C N N 87  
DG  O6     O N N 88  
DG  N1     N N N 89  
DG  C2     C N N 90  
DG  N2     N N N 91  
DG  N3     N N N 92  
DG  C4     C Y N 93  
DG  HOP3   H N N 94  
DG  HOP2   H N N 95  
DG  "H5'"  H N N 96  
DG  "H5''" H N N 97  
DG  "H4'"  H N N 98  
DG  "H3'"  H N N 99  
DG  "HO3'" H N N 100 
DG  "H2'"  H N N 101 
DG  "H2''" H N N 102 
DG  "H1'"  H N N 103 
DG  H8     H N N 104 
DG  H1     H N N 105 
DG  H21    H N N 106 
DG  H22    H N N 107 
DT  OP3    O N N 108 
DT  P      P N N 109 
DT  OP1    O N N 110 
DT  OP2    O N N 111 
DT  "O5'"  O N N 112 
DT  "C5'"  C N N 113 
DT  "C4'"  C N R 114 
DT  "O4'"  O N N 115 
DT  "C3'"  C N S 116 
DT  "O3'"  O N N 117 
DT  "C2'"  C N N 118 
DT  "C1'"  C N R 119 
DT  N1     N N N 120 
DT  C2     C N N 121 
DT  O2     O N N 122 
DT  N3     N N N 123 
DT  C4     C N N 124 
DT  O4     O N N 125 
DT  C5     C N N 126 
DT  C7     C N N 127 
DT  C6     C N N 128 
DT  HOP3   H N N 129 
DT  HOP2   H N N 130 
DT  "H5'"  H N N 131 
DT  "H5''" H N N 132 
DT  "H4'"  H N N 133 
DT  "H3'"  H N N 134 
DT  "HO3'" H N N 135 
DT  "H2'"  H N N 136 
DT  "H2''" H N N 137 
DT  "H1'"  H N N 138 
DT  H3     H N N 139 
DT  H71    H N N 140 
DT  H72    H N N 141 
DT  H73    H N N 142 
DT  H6     H N N 143 
NP3 P      P N N 144 
NP3 O1P    O N N 145 
NP3 O2P    O N N 146 
NP3 O3P    O N N 147 
NP3 "O5'"  O N N 148 
NP3 "C5'"  C N N 149 
NP3 "C4'"  C N R 150 
NP3 "O4'"  O N N 151 
NP3 "C1'"  C N R 152 
NP3 N1     N Y N 153 
NP3 C5     C Y N 154 
NP3 C2     C Y N 155 
NP3 C3     C Y N 156 
NP3 C4     C Y N 157 
NP3 N3     N N N 158 
NP3 ON1    O N N 159 
NP3 ON2    O N N 160 
NP3 "C2'"  C N N 161 
NP3 "C3'"  C N S 162 
NP3 "O3'"  O N N 163 
NP3 HOP2   H N N 164 
NP3 HOP3   H N N 165 
NP3 "H5'1" H N N 166 
NP3 "H5'2" H N N 167 
NP3 "H4'"  H N N 168 
NP3 "H1'"  H N N 169 
NP3 H5     H N N 170 
NP3 H2     H N N 171 
NP3 H4     H N N 172 
NP3 "H2'1" H N N 173 
NP3 "H2'2" H N N 174 
NP3 "H3'"  H N N 175 
NP3 H3T    H N N 176 
# 
loop_
_chem_comp_bond.comp_id 
_chem_comp_bond.atom_id_1 
_chem_comp_bond.atom_id_2 
_chem_comp_bond.value_order 
_chem_comp_bond.pdbx_aromatic_flag 
_chem_comp_bond.pdbx_stereo_config 
_chem_comp_bond.pdbx_ordinal 
DA  OP3   P      sing N N 1   
DA  OP3   HOP3   sing N N 2   
DA  P     OP1    doub N N 3   
DA  P     OP2    sing N N 4   
DA  P     "O5'"  sing N N 5   
DA  OP2   HOP2   sing N N 6   
DA  "O5'" "C5'"  sing N N 7   
DA  "C5'" "C4'"  sing N N 8   
DA  "C5'" "H5'"  sing N N 9   
DA  "C5'" "H5''" sing N N 10  
DA  "C4'" "O4'"  sing N N 11  
DA  "C4'" "C3'"  sing N N 12  
DA  "C4'" "H4'"  sing N N 13  
DA  "O4'" "C1'"  sing N N 14  
DA  "C3'" "O3'"  sing N N 15  
DA  "C3'" "C2'"  sing N N 16  
DA  "C3'" "H3'"  sing N N 17  
DA  "O3'" "HO3'" sing N N 18  
DA  "C2'" "C1'"  sing N N 19  
DA  "C2'" "H2'"  sing N N 20  
DA  "C2'" "H2''" sing N N 21  
DA  "C1'" N9     sing N N 22  
DA  "C1'" "H1'"  sing N N 23  
DA  N9    C8     sing Y N 24  
DA  N9    C4     sing Y N 25  
DA  C8    N7     doub Y N 26  
DA  C8    H8     sing N N 27  
DA  N7    C5     sing Y N 28  
DA  C5    C6     sing Y N 29  
DA  C5    C4     doub Y N 30  
DA  C6    N6     sing N N 31  
DA  C6    N1     doub Y N 32  
DA  N6    H61    sing N N 33  
DA  N6    H62    sing N N 34  
DA  N1    C2     sing Y N 35  
DA  C2    N3     doub Y N 36  
DA  C2    H2     sing N N 37  
DA  N3    C4     sing Y N 38  
DC  OP3   P      sing N N 39  
DC  OP3   HOP3   sing N N 40  
DC  P     OP1    doub N N 41  
DC  P     OP2    sing N N 42  
DC  P     "O5'"  sing N N 43  
DC  OP2   HOP2   sing N N 44  
DC  "O5'" "C5'"  sing N N 45  
DC  "C5'" "C4'"  sing N N 46  
DC  "C5'" "H5'"  sing N N 47  
DC  "C5'" "H5''" sing N N 48  
DC  "C4'" "O4'"  sing N N 49  
DC  "C4'" "C3'"  sing N N 50  
DC  "C4'" "H4'"  sing N N 51  
DC  "O4'" "C1'"  sing N N 52  
DC  "C3'" "O3'"  sing N N 53  
DC  "C3'" "C2'"  sing N N 54  
DC  "C3'" "H3'"  sing N N 55  
DC  "O3'" "HO3'" sing N N 56  
DC  "C2'" "C1'"  sing N N 57  
DC  "C2'" "H2'"  sing N N 58  
DC  "C2'" "H2''" sing N N 59  
DC  "C1'" N1     sing N N 60  
DC  "C1'" "H1'"  sing N N 61  
DC  N1    C2     sing N N 62  
DC  N1    C6     sing N N 63  
DC  C2    O2     doub N N 64  
DC  C2    N3     sing N N 65  
DC  N3    C4     doub N N 66  
DC  C4    N4     sing N N 67  
DC  C4    C5     sing N N 68  
DC  N4    H41    sing N N 69  
DC  N4    H42    sing N N 70  
DC  C5    C6     doub N N 71  
DC  C5    H5     sing N N 72  
DC  C6    H6     sing N N 73  
DG  OP3   P      sing N N 74  
DG  OP3   HOP3   sing N N 75  
DG  P     OP1    doub N N 76  
DG  P     OP2    sing N N 77  
DG  P     "O5'"  sing N N 78  
DG  OP2   HOP2   sing N N 79  
DG  "O5'" "C5'"  sing N N 80  
DG  "C5'" "C4'"  sing N N 81  
DG  "C5'" "H5'"  sing N N 82  
DG  "C5'" "H5''" sing N N 83  
DG  "C4'" "O4'"  sing N N 84  
DG  "C4'" "C3'"  sing N N 85  
DG  "C4'" "H4'"  sing N N 86  
DG  "O4'" "C1'"  sing N N 87  
DG  "C3'" "O3'"  sing N N 88  
DG  "C3'" "C2'"  sing N N 89  
DG  "C3'" "H3'"  sing N N 90  
DG  "O3'" "HO3'" sing N N 91  
DG  "C2'" "C1'"  sing N N 92  
DG  "C2'" "H2'"  sing N N 93  
DG  "C2'" "H2''" sing N N 94  
DG  "C1'" N9     sing N N 95  
DG  "C1'" "H1'"  sing N N 96  
DG  N9    C8     sing Y N 97  
DG  N9    C4     sing Y N 98  
DG  C8    N7     doub Y N 99  
DG  C8    H8     sing N N 100 
DG  N7    C5     sing Y N 101 
DG  C5    C6     sing N N 102 
DG  C5    C4     doub Y N 103 
DG  C6    O6     doub N N 104 
DG  C6    N1     sing N N 105 
DG  N1    C2     sing N N 106 
DG  N1    H1     sing N N 107 
DG  C2    N2     sing N N 108 
DG  C2    N3     doub N N 109 
DG  N2    H21    sing N N 110 
DG  N2    H22    sing N N 111 
DG  N3    C4     sing N N 112 
DT  OP3   P      sing N N 113 
DT  OP3   HOP3   sing N N 114 
DT  P     OP1    doub N N 115 
DT  P     OP2    sing N N 116 
DT  P     "O5'"  sing N N 117 
DT  OP2   HOP2   sing N N 118 
DT  "O5'" "C5'"  sing N N 119 
DT  "C5'" "C4'"  sing N N 120 
DT  "C5'" "H5'"  sing N N 121 
DT  "C5'" "H5''" sing N N 122 
DT  "C4'" "O4'"  sing N N 123 
DT  "C4'" "C3'"  sing N N 124 
DT  "C4'" "H4'"  sing N N 125 
DT  "O4'" "C1'"  sing N N 126 
DT  "C3'" "O3'"  sing N N 127 
DT  "C3'" "C2'"  sing N N 128 
DT  "C3'" "H3'"  sing N N 129 
DT  "O3'" "HO3'" sing N N 130 
DT  "C2'" "C1'"  sing N N 131 
DT  "C2'" "H2'"  sing N N 132 
DT  "C2'" "H2''" sing N N 133 
DT  "C1'" N1     sing N N 134 
DT  "C1'" "H1'"  sing N N 135 
DT  N1    C2     sing N N 136 
DT  N1    C6     sing N N 137 
DT  C2    O2     doub N N 138 
DT  C2    N3     sing N N 139 
DT  N3    C4     sing N N 140 
DT  N3    H3     sing N N 141 
DT  C4    O4     doub N N 142 
DT  C4    C5     sing N N 143 
DT  C5    C7     sing N N 144 
DT  C5    C6     doub N N 145 
DT  C7    H71    sing N N 146 
DT  C7    H72    sing N N 147 
DT  C7    H73    sing N N 148 
DT  C6    H6     sing N N 149 
NP3 P     O1P    doub N N 150 
NP3 P     O2P    sing N N 151 
NP3 P     O3P    sing N N 152 
NP3 P     "O5'"  sing N N 153 
NP3 O2P   HOP2   sing N N 154 
NP3 O3P   HOP3   sing N N 155 
NP3 "O5'" "C5'"  sing N N 156 
NP3 "C5'" "C4'"  sing N N 157 
NP3 "C5'" "H5'1" sing N N 158 
NP3 "C5'" "H5'2" sing N N 159 
NP3 "C4'" "O4'"  sing N N 160 
NP3 "C4'" "C3'"  sing N N 161 
NP3 "C4'" "H4'"  sing N N 162 
NP3 "O4'" "C1'"  sing N N 163 
NP3 "C1'" N1     sing N N 164 
NP3 "C1'" "C2'"  sing N N 165 
NP3 "C1'" "H1'"  sing N N 166 
NP3 N1    C5     sing Y N 167 
NP3 N1    C2     sing Y N 168 
NP3 C5    C4     doub Y N 169 
NP3 C5    H5     sing N N 170 
NP3 C2    C3     doub Y N 171 
NP3 C2    H2     sing N N 172 
NP3 C3    C4     sing Y N 173 
NP3 C3    N3     sing N N 174 
NP3 C4    H4     sing N N 175 
NP3 N3    ON1    sing N N 176 
NP3 N3    ON2    doub N N 177 
NP3 "C2'" "C3'"  sing N N 178 
NP3 "C2'" "H2'1" sing N N 179 
NP3 "C2'" "H2'2" sing N N 180 
NP3 "C3'" "O3'"  sing N N 181 
NP3 "C3'" "H3'"  sing N N 182 
NP3 "O3'" H3T    sing N N 183 
# 
loop_
_ndb_struct_conf_na.entry_id 
_ndb_struct_conf_na.feature 
1DK6 'double helix'         
1DK6 'b-form double helix'  
1DK6 'mismatched base pair' 
# 
loop_
_ndb_struct_na_base_pair.model_number 
_ndb_struct_na_base_pair.i_label_asym_id 
_ndb_struct_na_base_pair.i_label_comp_id 
_ndb_struct_na_base_pair.i_label_seq_id 
_ndb_struct_na_base_pair.i_symmetry 
_ndb_struct_na_base_pair.j_label_asym_id 
_ndb_struct_na_base_pair.j_label_comp_id 
_ndb_struct_na_base_pair.j_label_seq_id 
_ndb_struct_na_base_pair.j_symmetry 
_ndb_struct_na_base_pair.shear 
_ndb_struct_na_base_pair.stretch 
_ndb_struct_na_base_pair.stagger 
_ndb_struct_na_base_pair.buckle 
_ndb_struct_na_base_pair.propeller 
_ndb_struct_na_base_pair.opening 
_ndb_struct_na_base_pair.pair_number 
_ndb_struct_na_base_pair.pair_name 
_ndb_struct_na_base_pair.i_auth_asym_id 
_ndb_struct_na_base_pair.i_auth_seq_id 
_ndb_struct_na_base_pair.i_PDB_ins_code 
_ndb_struct_na_base_pair.j_auth_asym_id 
_ndb_struct_na_base_pair.j_auth_seq_id 
_ndb_struct_na_base_pair.j_PDB_ins_code 
_ndb_struct_na_base_pair.hbond_type_28 
_ndb_struct_na_base_pair.hbond_type_12 
1 A DC 1 1_555 B DG 9 1_555 0.246  -0.441 0.324  -7.626  15.615  -3.915 1 A_DC1:DG18_B A 1 ? B 18 ? 19 1 
1 A DA 2 1_555 B DT 8 1_555 -0.308 -0.228 0.505  9.979   -1.206  -2.394 2 A_DA2:DT17_B A 2 ? B 17 ? 20 1 
1 A DT 3 1_555 B DA 7 1_555 -0.058 -0.388 0.104  6.059   -6.086  -0.612 3 A_DT3:DA16_B A 3 ? B 16 ? 20 1 
1 A DG 4 1_555 B DC 6 1_555 -0.389 -0.520 -0.356 -5.286  -15.324 1.715  4 A_DG4:DC15_B A 4 ? B 15 ? 19 1 
1 A DG 6 1_555 B DC 4 1_555 -0.934 -0.337 0.548  7.519   -4.396  6.230  5 A_DG6:DC13_B A 6 ? B 13 ? 19 1 
1 A DT 7 1_555 B DA 3 1_555 -0.201 -0.341 0.078  5.839   -13.062 2.046  6 A_DT7:DA12_B A 7 ? B 12 ? 20 1 
1 A DA 8 1_555 B DT 2 1_555 -0.018 -0.271 0.065  -10.103 -13.704 7.281  7 A_DA8:DT11_B A 8 ? B 11 ? 20 1 
1 A DC 9 1_555 B DG 1 1_555 0.418  -0.459 1.243  -28.912 9.510   5.372  8 A_DC9:DG10_B A 9 ? B 10 ? 19 1 
# 
loop_
_ndb_struct_na_base_pair_step.model_number 
_ndb_struct_na_base_pair_step.i_label_asym_id_1 
_ndb_struct_na_base_pair_step.i_label_comp_id_1 
_ndb_struct_na_base_pair_step.i_label_seq_id_1 
_ndb_struct_na_base_pair_step.i_symmetry_1 
_ndb_struct_na_base_pair_step.j_label_asym_id_1 
_ndb_struct_na_base_pair_step.j_label_comp_id_1 
_ndb_struct_na_base_pair_step.j_label_seq_id_1 
_ndb_struct_na_base_pair_step.j_symmetry_1 
_ndb_struct_na_base_pair_step.i_label_asym_id_2 
_ndb_struct_na_base_pair_step.i_label_comp_id_2 
_ndb_struct_na_base_pair_step.i_label_seq_id_2 
_ndb_struct_na_base_pair_step.i_symmetry_2 
_ndb_struct_na_base_pair_step.j_label_asym_id_2 
_ndb_struct_na_base_pair_step.j_label_comp_id_2 
_ndb_struct_na_base_pair_step.j_label_seq_id_2 
_ndb_struct_na_base_pair_step.j_symmetry_2 
_ndb_struct_na_base_pair_step.shift 
_ndb_struct_na_base_pair_step.slide 
_ndb_struct_na_base_pair_step.rise 
_ndb_struct_na_base_pair_step.tilt 
_ndb_struct_na_base_pair_step.roll 
_ndb_struct_na_base_pair_step.twist 
_ndb_struct_na_base_pair_step.x_displacement 
_ndb_struct_na_base_pair_step.y_displacement 
_ndb_struct_na_base_pair_step.helical_rise 
_ndb_struct_na_base_pair_step.inclination 
_ndb_struct_na_base_pair_step.tip 
_ndb_struct_na_base_pair_step.helical_twist 
_ndb_struct_na_base_pair_step.step_number 
_ndb_struct_na_base_pair_step.step_name 
_ndb_struct_na_base_pair_step.i_auth_asym_id_1 
_ndb_struct_na_base_pair_step.i_auth_seq_id_1 
_ndb_struct_na_base_pair_step.i_PDB_ins_code_1 
_ndb_struct_na_base_pair_step.j_auth_asym_id_1 
_ndb_struct_na_base_pair_step.j_auth_seq_id_1 
_ndb_struct_na_base_pair_step.j_PDB_ins_code_1 
_ndb_struct_na_base_pair_step.i_auth_asym_id_2 
_ndb_struct_na_base_pair_step.i_auth_seq_id_2 
_ndb_struct_na_base_pair_step.i_PDB_ins_code_2 
_ndb_struct_na_base_pair_step.j_auth_asym_id_2 
_ndb_struct_na_base_pair_step.j_auth_seq_id_2 
_ndb_struct_na_base_pair_step.j_PDB_ins_code_2 
1 A DC 1 1_555 B DG 9 1_555 A DA 2 1_555 B DT 8 1_555 0.304  -0.368 2.648 -1.692 18.400 24.298 -3.556 -0.842 1.887 37.542 3.452  
30.441 1 AA_DC1DA2:DT17DG18_BB A 1 ? B 18 ? A 2 ? B 17 ? 
1 A DA 2 1_555 B DT 8 1_555 A DT 3 1_555 B DA 7 1_555 0.122  -0.695 3.252 3.792  -0.296 37.381 -1.040 0.303  3.254 -0.460 -5.898 
37.567 2 AA_DA2DT3:DA16DT17_BB A 2 ? B 17 ? A 3 ? B 16 ? 
1 A DT 3 1_555 B DA 7 1_555 A DG 4 1_555 B DC 6 1_555 -0.203 -0.778 3.224 3.375  9.356  34.260 -2.568 0.799  2.887 15.482 -5.585 
35.633 3 AA_DT3DG4:DC15DA16_BB A 3 ? B 16 ? A 4 ? B 15 ? 
1 A DG 4 1_555 B DC 6 1_555 A DG 6 1_555 B DC 4 1_555 0.517  -1.083 5.428 -3.590 11.896 70.792 -1.581 -0.640 5.188 10.190 3.075  
71.733 4 AA_DG4DG6:DC13DC15_BB A 4 ? B 15 ? A 6 ? B 13 ? 
1 A DG 6 1_555 B DC 4 1_555 A DT 7 1_555 B DA 3 1_555 -1.029 -0.995 3.028 3.076  0.615  31.594 -1.921 2.394  2.898 1.127  -5.633 
31.746 5 AA_DG6DT7:DA12DC13_BB A 6 ? B 13 ? A 7 ? B 12 ? 
1 A DT 7 1_555 B DA 3 1_555 A DA 8 1_555 B DT 2 1_555 0.270  -0.831 3.228 2.485  8.757  39.518 -2.144 -0.122 2.996 12.746 -3.617 
40.512 6 AA_DT7DA8:DT11DA12_BB A 7 ? B 12 ? A 8 ? B 11 ? 
1 A DA 8 1_555 B DT 2 1_555 A DC 9 1_555 B DG 1 1_555 0.282  -0.813 3.813 -8.563 -2.768 33.399 -0.869 -2.020 3.685 -4.710 14.574 
34.557 7 AA_DA8DC9:DG10DT11_BB A 8 ? B 11 ? A 9 ? B 10 ? 
# 
_pdbx_nmr_spectrometer.spectrometer_id   1 
_pdbx_nmr_spectrometer.model             INOVA 
_pdbx_nmr_spectrometer.manufacturer      Varian 
_pdbx_nmr_spectrometer.field_strength    600 
_pdbx_nmr_spectrometer.type              ? 
# 
_atom_sites.entry_id                    1DK6 
_atom_sites.fract_transf_matrix[1][1]   1.000000 
_atom_sites.fract_transf_matrix[1][2]   0.000000 
_atom_sites.fract_transf_matrix[1][3]   0.000000 
_atom_sites.fract_transf_matrix[2][1]   0.000000 
_atom_sites.fract_transf_matrix[2][2]   1.000000 
_atom_sites.fract_transf_matrix[2][3]   0.000000 
_atom_sites.fract_transf_matrix[3][1]   0.000000 
_atom_sites.fract_transf_matrix[3][2]   0.000000 
_atom_sites.fract_transf_matrix[3][3]   1.000000 
_atom_sites.fract_transf_vector[1]      0.00000 
_atom_sites.fract_transf_vector[2]      0.00000 
_atom_sites.fract_transf_vector[3]      0.00000 
# 
loop_
_atom_type.symbol 
C 
H 
N 
O 
P 
# 
loop_
_atom_site.group_PDB 
_atom_site.id 
_atom_site.type_symbol 
_atom_site.label_atom_id 
_atom_site.label_alt_id 
_atom_site.label_comp_id 
_atom_site.label_asym_id 
_atom_site.label_entity_id 
_atom_site.label_seq_id 
_atom_site.pdbx_PDB_ins_code 
_atom_site.Cartn_x 
_atom_site.Cartn_y 
_atom_site.Cartn_z 
_atom_site.occupancy 
_atom_site.B_iso_or_equiv 
_atom_site.pdbx_formal_charge 
_atom_site.auth_seq_id 
_atom_site.auth_comp_id 
_atom_site.auth_asym_id 
_atom_site.auth_atom_id 
_atom_site.pdbx_PDB_model_num 
ATOM   1   O "O5'"  . DC  A 1 1 ? -7.298  -11.098 -9.316  1.00 1.61 ? 1  DC  A "O5'"  1 
ATOM   2   C "C5'"  . DC  A 1 1 ? -6.190  -11.988 -9.142  1.00 1.30 ? 1  DC  A "C5'"  1 
ATOM   3   C "C4'"  . DC  A 1 1 ? -5.095  -11.380 -8.261  1.00 0.85 ? 1  DC  A "C4'"  1 
ATOM   4   O "O4'"  . DC  A 1 1 ? -4.610  -10.145 -8.811  1.00 0.90 ? 1  DC  A "O4'"  1 
ATOM   5   C "C3'"  . DC  A 1 1 ? -5.576  -11.040 -6.848  1.00 0.85 ? 1  DC  A "C3'"  1 
ATOM   6   O "O3'"  . DC  A 1 1 ? -5.261  -12.132 -5.970  1.00 0.85 ? 1  DC  A "O3'"  1 
ATOM   7   C "C2'"  . DC  A 1 1 ? -4.867  -9.711  -6.563  1.00 0.73 ? 1  DC  A "C2'"  1 
ATOM   8   C "C1'"  . DC  A 1 1 ? -3.917  -9.485  -7.739  1.00 0.69 ? 1  DC  A "C1'"  1 
ATOM   9   N N1     . DC  A 1 1 ? -3.629  -8.088  -8.156  1.00 0.78 ? 1  DC  A N1     1 
ATOM   10  C C2     . DC  A 1 1 ? -2.352  -7.776  -8.621  1.00 0.73 ? 1  DC  A C2     1 
ATOM   11  O O2     . DC  A 1 1 ? -1.439  -8.599  -8.625  1.00 0.66 ? 1  DC  A O2     1 
ATOM   12  N N3     . DC  A 1 1 ? -2.121  -6.523  -9.097  1.00 0.78 ? 1  DC  A N3     1 
ATOM   13  C C4     . DC  A 1 1 ? -3.074  -5.587  -9.046  1.00 0.89 ? 1  DC  A C4     1 
ATOM   14  N N4     . DC  A 1 1 ? -2.777  -4.350  -9.433  1.00 0.91 ? 1  DC  A N4     1 
ATOM   15  C C5     . DC  A 1 1 ? -4.382  -5.886  -8.555  1.00 0.97 ? 1  DC  A C5     1 
ATOM   16  C C6     . DC  A 1 1 ? -4.621  -7.156  -8.175  1.00 0.89 ? 1  DC  A C6     1 
ATOM   17  H "H5'"  . DC  A 1 1 ? -5.763  -12.216 -10.118 1.00 1.29 ? 1  DC  A "H5'"  1 
ATOM   18  H "H5''" . DC  A 1 1 ? -6.545  -12.913 -8.685  1.00 1.55 ? 1  DC  A "H5''" 1 
ATOM   19  H "H4'"  . DC  A 1 1 ? -4.272  -12.091 -8.174  1.00 0.87 ? 1  DC  A "H4'"  1 
ATOM   20  H "H3'"  . DC  A 1 1 ? -6.648  -10.835 -6.858  1.00 0.92 ? 1  DC  A "H3'"  1 
ATOM   21  H "H2'"  . DC  A 1 1 ? -5.660  -8.965  -6.550  1.00 0.75 ? 1  DC  A "H2'"  1 
ATOM   22  H "H2''" . DC  A 1 1 ? -4.336  -9.688  -5.612  1.00 0.70 ? 1  DC  A "H2''" 1 
ATOM   23  H "H1'"  . DC  A 1 1 ? -2.979  -9.941  -7.442  1.00 0.56 ? 1  DC  A "H1'"  1 
ATOM   24  H H41    . DC  A 1 1 ? -1.847  -4.149  -9.809  1.00 0.83 ? 1  DC  A H41    1 
ATOM   25  H H42    . DC  A 1 1 ? -3.458  -3.608  -9.366  1.00 1.01 ? 1  DC  A H42    1 
ATOM   26  H H5     . DC  A 1 1 ? -5.152  -5.118  -8.483  1.00 1.09 ? 1  DC  A H5     1 
ATOM   27  H H6     . DC  A 1 1 ? -5.628  -7.473  -7.929  1.00 0.90 ? 1  DC  A H6     1 
ATOM   28  H "HO5'" . DC  A 1 1 ? -6.916  -10.245 -9.545  1.00 0.90 ? 1  DC  A "HO5'" 1 
ATOM   29  P P      . DA  A 1 2 ? -5.139  -12.039 -4.361  1.00 0.87 ? 2  DA  A P      1 
ATOM   30  O OP1    . DA  A 1 2 ? -5.199  -13.410 -3.805  1.00 1.49 ? 2  DA  A OP1    1 
ATOM   31  O OP2    . DA  A 1 2 ? -6.070  -10.998 -3.870  1.00 1.73 ? 2  DA  A OP2    1 
ATOM   32  O "O5'"  . DA  A 1 2 ? -3.625  -11.491 -4.228  1.00 0.65 ? 2  DA  A "O5'"  1 
ATOM   33  C "C5'"  . DA  A 1 2 ? -2.495  -12.268 -4.677  1.00 0.47 ? 2  DA  A "C5'"  1 
ATOM   34  C "C4'"  . DA  A 1 2 ? -1.178  -11.493 -4.582  1.00 0.43 ? 2  DA  A "C4'"  1 
ATOM   35  O "O4'"  . DA  A 1 2 ? -1.151  -10.344 -5.451  1.00 0.43 ? 2  DA  A "O4'"  1 
ATOM   36  C "C3'"  . DA  A 1 2 ? -0.901  -11.018 -3.152  1.00 0.60 ? 2  DA  A "C3'"  1 
ATOM   37  O "O3'"  . DA  A 1 2 ? 0.357   -11.528 -2.683  1.00 0.63 ? 2  DA  A "O3'"  1 
ATOM   38  C "C2'"  . DA  A 1 2 ? -1.039  -9.547  -3.343  1.00 0.62 ? 2  DA  A "C2'"  1 
ATOM   39  C "C1'"  . DA  A 1 2 ? -0.530  -9.284  -4.724  1.00 0.48 ? 2  DA  A "C1'"  1 
ATOM   40  N N9     . DA  A 1 2 ? -0.956  -7.981  -5.231  1.00 0.52 ? 2  DA  A N9     1 
ATOM   41  C C8     . DA  A 1 2 ? -2.172  -7.423  -5.143  1.00 0.60 ? 2  DA  A C8     1 
ATOM   42  N N7     . DA  A 1 2 ? -2.334  -6.270  -5.726  1.00 0.64 ? 2  DA  A N7     1 
ATOM   43  C C5     . DA  A 1 2 ? -1.044  -6.024  -6.206  1.00 0.54 ? 2  DA  A C5     1 
ATOM   44  C C6     . DA  A 1 2 ? -0.468  -4.946  -6.898  1.00 0.54 ? 2  DA  A C6     1 
ATOM   45  N N6     . DA  A 1 2 ? -1.131  -3.829  -7.174  1.00 0.66 ? 2  DA  A N6     1 
ATOM   46  N N1     . DA  A 1 2 ? 0.825   -5.050  -7.247  1.00 0.45 ? 2  DA  A N1     1 
ATOM   47  C C2     . DA  A 1 2 ? 1.526   -6.102  -6.821  1.00 0.37 ? 2  DA  A C2     1 
ATOM   48  N N3     . DA  A 1 2 ? 1.109   -7.149  -6.135  1.00 0.38 ? 2  DA  A N3     1 
ATOM   49  C C4     . DA  A 1 2 ? -0.208  -7.061  -5.895  1.00 0.46 ? 2  DA  A C4     1 
ATOM   50  H "H5'"  . DA  A 1 2 ? -2.643  -12.563 -5.716  1.00 0.40 ? 2  DA  A "H5'"  1 
ATOM   51  H "H5''" . DA  A 1 2 ? -2.416  -13.166 -4.062  1.00 0.46 ? 2  DA  A "H5''" 1 
ATOM   52  H "H4'"  . DA  A 1 2 ? -0.318  -12.096 -4.864  1.00 0.34 ? 2  DA  A "H4'"  1 
ATOM   53  H "H3'"  . DA  A 1 2 ? -1.698  -11.243 -2.456  1.00 0.72 ? 2  DA  A "H3'"  1 
ATOM   54  H "H2'"  . DA  A 1 2 ? -2.111  -9.361  -3.294  1.00 0.68 ? 2  DA  A "H2'"  1 
ATOM   55  H "H2''" . DA  A 1 2 ? -0.524  -8.950  -2.616  1.00 0.63 ? 2  DA  A "H2''" 1 
ATOM   56  H "H1'"  . DA  A 1 2 ? 0.546   -9.331  -4.680  1.00 0.42 ? 2  DA  A "H1'"  1 
ATOM   57  H H8     . DA  A 1 2 ? -2.828  -7.904  -4.428  1.00 0.65 ? 2  DA  A H8     1 
ATOM   58  H H61    . DA  A 1 2 ? -0.688  -3.066  -7.672  1.00 0.70 ? 2  DA  A H61    1 
ATOM   59  H H62    . DA  A 1 2 ? -2.094  -3.741  -6.890  1.00 0.72 ? 2  DA  A H62    1 
ATOM   60  H H2     . DA  A 1 2 ? 2.593   -6.149  -7.007  1.00 0.29 ? 2  DA  A H2     1 
ATOM   61  P P      . DT  A 1 3 ? 1.016   -11.242 -1.234  1.00 0.85 ? 3  DT  A P      1 
ATOM   62  O OP1    . DT  A 1 3 ? 1.722   -12.470 -0.805  1.00 0.29 ? 3  DT  A OP1    1 
ATOM   63  O OP2    . DT  A 1 3 ? -0.003  -10.633 -0.349  1.00 2.25 ? 3  DT  A OP2    1 
ATOM   64  O "O5'"  . DT  A 1 3 ? 2.119   -10.117 -1.599  1.00 0.70 ? 3  DT  A "O5'"  1 
ATOM   65  C "C5'"  . DT  A 1 3 ? 3.287   -10.456 -2.373  1.00 0.65 ? 3  DT  A "C5'"  1 
ATOM   66  C "C4'"  . DT  A 1 3 ? 4.178   -9.258  -2.720  1.00 0.49 ? 3  DT  A "C4'"  1 
ATOM   67  O "O4'"  . DT  A 1 3 ? 3.482   -8.289  -3.531  1.00 0.39 ? 3  DT  A "O4'"  1 
ATOM   68  C "C3'"  . DT  A 1 3 ? 4.760   -8.524  -1.503  1.00 0.46 ? 3  DT  A "C3'"  1 
ATOM   69  O "O3'"  . DT  A 1 3 ? 6.192   -8.438  -1.611  1.00 0.47 ? 3  DT  A "O3'"  1 
ATOM   70  C "C2'"  . DT  A 1 3 ? 4.025   -7.196  -1.560  1.00 0.41 ? 3  DT  A "C2'"  1 
ATOM   71  C "C1'"  . DT  A 1 3 ? 3.735   -6.969  -3.036  1.00 0.38 ? 3  DT  A "C1'"  1 
ATOM   72  N N1     . DT  A 1 3 ? 2.530   -6.137  -3.256  1.00 0.38 ? 3  DT  A N1     1 
ATOM   73  C C2     . DT  A 1 3 ? 2.627   -4.978  -4.000  1.00 0.37 ? 3  DT  A C2     1 
ATOM   74  O O2     . DT  A 1 3 ? 3.655   -4.594  -4.548  1.00 0.32 ? 3  DT  A O2     1 
ATOM   75  N N3     . DT  A 1 3 ? 1.469   -4.251  -4.120  1.00 0.42 ? 3  DT  A N3     1 
ATOM   76  C C4     . DT  A 1 3 ? 0.248   -4.546  -3.568  1.00 0.46 ? 3  DT  A C4     1 
ATOM   77  O O4     . DT  A 1 3 ? -0.705  -3.799  -3.775  1.00 0.52 ? 3  DT  A O4     1 
ATOM   78  C C5     . DT  A 1 3 ? 0.232   -5.774  -2.805  1.00 0.43 ? 3  DT  A C5     1 
ATOM   79  C C7     . DT  A 1 3 ? -1.043  -6.191  -2.064  1.00 0.43 ? 3  DT  A C7     1 
ATOM   80  C C6     . DT  A 1 3 ? 1.340   -6.542  -2.739  1.00 0.41 ? 3  DT  A C6     1 
ATOM   81  H "H5'"  . DT  A 1 3 ? 2.964   -10.908 -3.312  1.00 0.68 ? 3  DT  A "H5'"  1 
ATOM   82  H "H5''" . DT  A 1 3 ? 3.883   -11.185 -1.821  1.00 0.75 ? 3  DT  A "H5''" 1 
ATOM   83  H "H4'"  . DT  A 1 3 ? 5.028   -9.623  -3.298  1.00 0.55 ? 3  DT  A "H4'"  1 
ATOM   84  H "H3'"  . DT  A 1 3 ? 4.518   -9.068  -0.588  1.00 0.48 ? 3  DT  A "H3'"  1 
ATOM   85  H "H2'"  . DT  A 1 3 ? 3.101   -7.323  -1.000  1.00 0.43 ? 3  DT  A "H2'"  1 
ATOM   86  H "H2''" . DT  A 1 3 ? 4.562   -6.354  -1.137  1.00 0.38 ? 3  DT  A "H2''" 1 
ATOM   87  H "H1'"  . DT  A 1 3 ? 4.594   -6.529  -3.521  1.00 0.35 ? 3  DT  A "H1'"  1 
ATOM   88  H H3     . DT  A 1 3 ? 1.530   -3.410  -4.674  1.00 0.43 ? 3  DT  A H3     1 
ATOM   89  H H71    . DT  A 1 3 ? -0.827  -6.340  -1.006  1.00 0.44 ? 3  DT  A H71    1 
ATOM   90  H H72    . DT  A 1 3 ? -1.437  -7.114  -2.484  1.00 0.43 ? 3  DT  A H72    1 
ATOM   91  H H73    . DT  A 1 3 ? -1.802  -5.416  -2.170  1.00 0.44 ? 3  DT  A H73    1 
ATOM   92  H H6     . DT  A 1 3 ? 1.355   -7.535  -2.300  1.00 0.42 ? 3  DT  A H6     1 
ATOM   93  P P      . DG  A 1 4 ? 7.139   -7.588  -0.612  1.00 0.45 ? 4  DG  A P      1 
ATOM   94  O OP1    . DG  A 1 4 ? 8.488   -8.193  -0.626  1.00 1.29 ? 4  DG  A OP1    1 
ATOM   95  O OP2    . DG  A 1 4 ? 6.430   -7.401  0.675   1.00 1.46 ? 4  DG  A OP2    1 
ATOM   96  O "O5'"  . DG  A 1 4 ? 7.216   -6.154  -1.352  1.00 0.31 ? 4  DG  A "O5'"  1 
ATOM   97  C "C5'"  . DG  A 1 4 ? 7.978   -5.940  -2.559  1.00 0.35 ? 4  DG  A "C5'"  1 
ATOM   98  C "C4'"  . DG  A 1 4 ? 8.035   -4.459  -2.976  1.00 0.36 ? 4  DG  A "C4'"  1 
ATOM   99  O "O4'"  . DG  A 1 4 ? 6.746   -3.917  -3.317  1.00 0.36 ? 4  DG  A "O4'"  1 
ATOM   100 C "C3'"  . DG  A 1 4 ? 8.621   -3.555  -1.886  1.00 0.32 ? 4  DG  A "C3'"  1 
ATOM   101 O "O3'"  . DG  A 1 4 ? 9.418   -2.546  -2.529  1.00 0.40 ? 4  DG  A "O3'"  1 
ATOM   102 C "C2'"  . DG  A 1 4 ? 7.345   -3.115  -1.242  1.00 0.29 ? 4  DG  A "C2'"  1 
ATOM   103 C "C1'"  . DG  A 1 4 ? 6.495   -2.814  -2.444  1.00 0.34 ? 4  DG  A "C1'"  1 
ATOM   104 N N9     . DG  A 1 4 ? 5.076   -2.672  -2.145  1.00 0.35 ? 4  DG  A N9     1 
ATOM   105 C C8     . DG  A 1 4 ? 4.309   -3.496  -1.415  1.00 0.32 ? 4  DG  A C8     1 
ATOM   106 N N7     . DG  A 1 4 ? 3.035   -3.239  -1.390  1.00 0.36 ? 4  DG  A N7     1 
ATOM   107 C C5     . DG  A 1 4 ? 2.974   -2.065  -2.147  1.00 0.41 ? 4  DG  A C5     1 
ATOM   108 C C6     . DG  A 1 4 ? 1.868   -1.237  -2.462  1.00 0.47 ? 4  DG  A C6     1 
ATOM   109 O O6     . DG  A 1 4 ? 0.669   -1.448  -2.292  1.00 0.49 ? 4  DG  A O6     1 
ATOM   110 N N1     . DG  A 1 4 ? 2.284   -0.063  -3.060  1.00 0.49 ? 4  DG  A N1     1 
ATOM   111 C C2     . DG  A 1 4 ? 3.571   0.223   -3.447  1.00 0.47 ? 4  DG  A C2     1 
ATOM   112 N N2     . DG  A 1 4 ? 3.791   1.375   -4.052  1.00 0.48 ? 4  DG  A N2     1 
ATOM   113 N N3     . DG  A 1 4 ? 4.590   -0.604  -3.285  1.00 0.46 ? 4  DG  A N3     1 
ATOM   114 C C4     . DG  A 1 4 ? 4.226   -1.705  -2.589  1.00 0.41 ? 4  DG  A C4     1 
ATOM   115 H "H5'"  . DG  A 1 4 ? 7.530   -6.510  -3.374  1.00 0.37 ? 4  DG  A "H5'"  1 
ATOM   116 H "H5''" . DG  A 1 4 ? 8.997   -6.293  -2.401  1.00 0.35 ? 4  DG  A "H5''" 1 
ATOM   117 H "H4'"  . DG  A 1 4 ? 8.659   -4.329  -3.856  1.00 0.40 ? 4  DG  A "H4'"  1 
ATOM   118 H "H3'"  . DG  A 1 4 ? 9.190   -4.131  -1.172  1.00 0.28 ? 4  DG  A "H3'"  1 
ATOM   119 H "H2'"  . DG  A 1 4 ? 7.057   -4.004  -0.689  1.00 0.26 ? 4  DG  A "H2'"  1 
ATOM   120 H "H2''" . DG  A 1 4 ? 7.337   -2.287  -0.546  1.00 0.27 ? 4  DG  A "H2''" 1 
ATOM   121 H "H1'"  . DG  A 1 4 ? 6.887   -1.901  -2.859  1.00 0.35 ? 4  DG  A "H1'"  1 
ATOM   122 H H8     . DG  A 1 4 ? 4.844   -4.172  -0.757  1.00 0.25 ? 4  DG  A H8     1 
ATOM   123 H H1     . DG  A 1 4 ? 1.566   0.635   -3.196  1.00 0.53 ? 4  DG  A H1     1 
ATOM   124 H H21    . DG  A 1 4 ? 3.063   2.086   -4.100  1.00 0.65 ? 4  DG  A H21    1 
ATOM   125 H H22    . DG  A 1 4 ? 4.718   1.561   -4.406  1.00 1.26 ? 4  DG  A H22    1 
ATOM   126 P P      . DA  A 1 5 ? 10.110  -1.275  -1.822  1.00 0.42 ? 5  DA  A P      1 
ATOM   127 O OP1    . DA  A 1 5 ? 11.214  -0.832  -2.706  1.00 1.49 ? 5  DA  A OP1    1 
ATOM   128 O OP2    . DA  A 1 5 ? 10.394  -1.606  -0.407  1.00 1.19 ? 5  DA  A OP2    1 
ATOM   129 O "O5'"  . DA  A 1 5 ? 8.946   -0.152  -1.867  1.00 0.43 ? 5  DA  A "O5'"  1 
ATOM   130 C "C5'"  . DA  A 1 5 ? 8.948   0.918   -2.835  1.00 0.49 ? 5  DA  A "C5'"  1 
ATOM   131 C "C4'"  . DA  A 1 5 ? 8.155   2.146   -2.365  1.00 0.49 ? 5  DA  A "C4'"  1 
ATOM   132 O "O4'"  . DA  A 1 5 ? 6.734   1.915   -2.272  1.00 0.47 ? 5  DA  A "O4'"  1 
ATOM   133 C "C3'"  . DA  A 1 5 ? 8.625   2.622   -0.984  1.00 0.45 ? 5  DA  A "C3'"  1 
ATOM   134 O "O3'"  . DA  A 1 5 ? 8.774   4.051   -0.924  1.00 0.52 ? 5  DA  A "O3'"  1 
ATOM   135 C "C2'"  . DA  A 1 5 ? 7.533   2.051   -0.124  1.00 0.40 ? 5  DA  A "C2'"  1 
ATOM   136 C "C1'"  . DA  A 1 5 ? 6.313   2.310   -0.961  1.00 0.43 ? 5  DA  A "C1'"  1 
ATOM   137 N N9     . DA  A 1 5 ? 5.145   1.538   -0.531  1.00 0.41 ? 5  DA  A N9     1 
ATOM   138 C C8     . DA  A 1 5 ? 5.139   0.251   -0.147  1.00 0.38 ? 5  DA  A C8     1 
ATOM   139 N N7     . DA  A 1 5 ? 3.987   -0.264  0.167   1.00 0.38 ? 5  DA  A N7     1 
ATOM   140 C C5     . DA  A 1 5 ? 3.124   0.800   -0.108  1.00 0.42 ? 5  DA  A C5     1 
ATOM   141 C C6     . DA  A 1 5 ? 1.727   0.913   -0.090  1.00 0.45 ? 5  DA  A C6     1 
ATOM   142 N N6     . DA  A 1 5 ? 0.918   -0.085  0.245   1.00 0.46 ? 5  DA  A N6     1 
ATOM   143 N N1     . DA  A 1 5 ? 1.192   2.086   -0.446  1.00 0.49 ? 5  DA  A N1     1 
ATOM   144 C C2     . DA  A 1 5 ? 1.987   3.081   -0.828  1.00 0.50 ? 5  DA  A C2     1 
ATOM   145 N N3     . DA  A 1 5 ? 3.312   3.095   -0.905  1.00 0.48 ? 5  DA  A N3     1 
ATOM   146 C C4     . DA  A 1 5 ? 3.822   1.906   -0.521  1.00 0.44 ? 5  DA  A C4     1 
ATOM   147 H "H5'"  . DA  A 1 5 ? 8.527   0.568   -3.778  1.00 0.51 ? 5  DA  A "H5'"  1 
ATOM   148 H "H5''" . DA  A 1 5 ? 9.980   1.233   -3.004  1.00 0.52 ? 5  DA  A "H5''" 1 
ATOM   149 H "H4'"  . DA  A 1 5 ? 8.308   2.969   -3.061  1.00 0.53 ? 5  DA  A "H4'"  1 
ATOM   150 H "H3'"  . DA  A 1 5 ? 9.565   2.165   -0.720  1.00 0.44 ? 5  DA  A "H3'"  1 
ATOM   151 H "H2'"  . DA  A 1 5 ? 7.720   0.981   -0.037  1.00 0.38 ? 5  DA  A "H2'"  1 
ATOM   152 H "H2''" . DA  A 1 5 ? 7.441   2.487   0.868   1.00 0.37 ? 5  DA  A "H2''" 1 
ATOM   153 H "H1'"  . DA  A 1 5 ? 6.165   3.370   -0.888  1.00 0.45 ? 5  DA  A "H1'"  1 
ATOM   154 H H8     . DA  A 1 5 ? 6.077   -0.281  -0.282  1.00 0.33 ? 5  DA  A H8     1 
ATOM   155 H H61    . DA  A 1 5 ? -0.081  0.053   0.219   1.00 1.06 ? 5  DA  A H61    1 
ATOM   156 H H62    . DA  A 1 5 ? 1.306   -0.983  0.495   1.00 0.90 ? 5  DA  A H62    1 
ATOM   157 H H2     . DA  A 1 5 ? 1.486   4.005   -1.121  1.00 0.54 ? 5  DA  A H2     1 
ATOM   158 P P      . DG  A 1 6 ? 9.134   4.861   0.428   1.00 0.46 ? 6  DG  A P      1 
ATOM   159 O OP1    . DG  A 1 6 ? 10.163  5.878   0.108   1.00 1.58 ? 6  DG  A OP1    1 
ATOM   160 O OP2    . DG  A 1 6 ? 9.385   3.886   1.514   1.00 1.20 ? 6  DG  A OP2    1 
ATOM   161 O "O5'"  . DG  A 1 6 ? 7.751   5.619   0.752   1.00 0.26 ? 6  DG  A "O5'"  1 
ATOM   162 C "C5'"  . DG  A 1 6 ? 7.225   6.658   -0.096  1.00 0.24 ? 6  DG  A "C5'"  1 
ATOM   163 C "C4'"  . DG  A 1 6 ? 5.896   7.195   0.434   1.00 0.20 ? 6  DG  A "C4'"  1 
ATOM   164 O "O4'"  . DG  A 1 6 ? 4.924   6.142   0.470   1.00 0.20 ? 6  DG  A "O4'"  1 
ATOM   165 C "C3'"  . DG  A 1 6 ? 6.031   7.771   1.848   1.00 0.21 ? 6  DG  A "C3'"  1 
ATOM   166 O "O3'"  . DG  A 1 6 ? 5.630   9.156   1.867   1.00 0.19 ? 6  DG  A "O3'"  1 
ATOM   167 C "C2'"  . DG  A 1 6 ? 5.190   6.823   2.656   1.00 0.19 ? 6  DG  A "C2'"  1 
ATOM   168 C "C1'"  . DG  A 1 6 ? 4.182   6.268   1.677   1.00 0.19 ? 6  DG  A "C1'"  1 
ATOM   169 N N9     . DG  A 1 6 ? 3.762   4.917   2.040   1.00 0.17 ? 6  DG  A N9     1 
ATOM   170 C C8     . DG  A 1 6 ? 4.560   3.866   2.298   1.00 0.18 ? 6  DG  A C8     1 
ATOM   171 N N7     . DG  A 1 6 ? 3.972   2.747   2.603   1.00 0.15 ? 6  DG  A N7     1 
ATOM   172 C C5     . DG  A 1 6 ? 2.622   3.099   2.482   1.00 0.12 ? 6  DG  A C5     1 
ATOM   173 C C6     . DG  A 1 6 ? 1.447   2.324   2.692   1.00 0.11 ? 6  DG  A C6     1 
ATOM   174 O O6     . DG  A 1 6 ? 1.331   1.206   3.186   1.00 0.11 ? 6  DG  A O6     1 
ATOM   175 N N1     . DG  A 1 6 ? 0.318   3.006   2.293   1.00 0.12 ? 6  DG  A N1     1 
ATOM   176 C C2     . DG  A 1 6 ? 0.293   4.322   1.898   1.00 0.12 ? 6  DG  A C2     1 
ATOM   177 N N2     . DG  A 1 6 ? -0.876  4.825   1.555   1.00 0.13 ? 6  DG  A N2     1 
ATOM   178 N N3     . DG  A 1 6 ? 1.366   5.098   1.821   1.00 0.13 ? 6  DG  A N3     1 
ATOM   179 C C4     . DG  A 1 6 ? 2.496   4.412   2.091   1.00 0.14 ? 6  DG  A C4     1 
ATOM   180 H "H5'"  . DG  A 1 6 ? 7.062   6.262   -1.099  1.00 0.24 ? 6  DG  A "H5'"  1 
ATOM   181 H "H5''" . DG  A 1 6 ? 7.941   7.479   -0.150  1.00 0.27 ? 6  DG  A "H5''" 1 
ATOM   182 H "H4'"  . DG  A 1 6 ? 5.484   7.983   -0.194  1.00 0.20 ? 6  DG  A "H4'"  1 
ATOM   183 H "H3'"  . DG  A 1 6 ? 7.051   7.618   2.198   1.00 0.26 ? 6  DG  A "H3'"  1 
ATOM   184 H "H2'"  . DG  A 1 6 ? 5.878   6.036   2.961   1.00 0.19 ? 6  DG  A "H2'"  1 
ATOM   185 H "H2''" . DG  A 1 6 ? 4.717   7.261   3.532   1.00 0.19 ? 6  DG  A "H2''" 1 
ATOM   186 H "H1'"  . DG  A 1 6 ? 3.358   6.950   1.566   1.00 0.19 ? 6  DG  A "H1'"  1 
ATOM   187 H H8     . DG  A 1 6 ? 5.625   4.042   2.151   1.00 0.20 ? 6  DG  A H8     1 
ATOM   188 H H1     . DG  A 1 6 ? -0.523  2.451   2.254   1.00 0.16 ? 6  DG  A H1     1 
ATOM   189 H H21    . DG  A 1 6 ? -1.720  4.274   1.690   1.00 0.14 ? 6  DG  A H21    1 
ATOM   190 H H22    . DG  A 1 6 ? -0.928  5.775   1.222   1.00 0.14 ? 6  DG  A H22    1 
ATOM   191 P P      . DT  A 1 7 ? 5.213   10.008  3.176   1.00 0.22 ? 7  DT  A P      1 
ATOM   192 O OP1    . DT  A 1 7 ? 5.392   11.443  2.861   1.00 1.39 ? 7  DT  A OP1    1 
ATOM   193 O OP2    . DT  A 1 7 ? 5.901   9.428   4.352   1.00 1.21 ? 7  DT  A OP2    1 
ATOM   194 O "O5'"  . DT  A 1 7 ? 3.622   9.718   3.340   1.00 0.18 ? 7  DT  A "O5'"  1 
ATOM   195 C "C5'"  . DT  A 1 7 ? 2.636   10.300  2.464   1.00 0.19 ? 7  DT  A "C5'"  1 
ATOM   196 C "C4'"  . DT  A 1 7 ? 1.174   10.063  2.895   1.00 0.18 ? 7  DT  A "C4'"  1 
ATOM   197 O "O4'"  . DT  A 1 7 ? 0.790   8.670   2.881   1.00 0.14 ? 7  DT  A "O4'"  1 
ATOM   198 C "C3'"  . DT  A 1 7 ? 0.816   10.613  4.286   1.00 0.18 ? 7  DT  A "C3'"  1 
ATOM   199 O "O3'"  . DT  A 1 7 ? -0.450  11.297  4.257   1.00 0.20 ? 7  DT  A "O3'"  1 
ATOM   200 C "C2'"  . DT  A 1 7 ? 0.822   9.346   5.107   1.00 0.14 ? 7  DT  A "C2'"  1 
ATOM   201 C "C1'"  . DT  A 1 7 ? 0.229   8.322   4.158   1.00 0.12 ? 7  DT  A "C1'"  1 
ATOM   202 N N1     . DT  A 1 7 ? 0.575   6.917   4.481   1.00 0.08 ? 7  DT  A N1     1 
ATOM   203 C C2     . DT  A 1 7 ? -0.426  5.958   4.521   1.00 0.06 ? 7  DT  A C2     1 
ATOM   204 O O2     . DT  A 1 7 ? -1.585  6.149   4.161   1.00 0.07 ? 7  DT  A O2     1 
ATOM   205 N N3     . DT  A 1 7 ? -0.033  4.715   4.956   1.00 0.06 ? 7  DT  A N3     1 
ATOM   206 C C4     . DT  A 1 7 ? 1.241   4.314   5.263   1.00 0.05 ? 7  DT  A C4     1 
ATOM   207 O O4     . DT  A 1 7 ? 1.440   3.155   5.619   1.00 0.06 ? 7  DT  A O4     1 
ATOM   208 C C5     . DT  A 1 7 ? 2.236   5.351   5.113   1.00 0.08 ? 7  DT  A C5     1 
ATOM   209 C C7     . DT  A 1 7 ? 3.705   5.051   5.418   1.00 0.13 ? 7  DT  A C7     1 
ATOM   210 C C6     . DT  A 1 7 ? 1.876   6.583   4.707   1.00 0.09 ? 7  DT  A C6     1 
ATOM   211 H "H5'"  . DT  A 1 7 ? 2.761   9.871   1.468   1.00 0.20 ? 7  DT  A "H5'"  1 
ATOM   212 H "H5''" . DT  A 1 7 ? 2.805   11.376  2.405   1.00 0.21 ? 7  DT  A "H5''" 1 
ATOM   213 H "H4'"  . DT  A 1 7 ? 0.534   10.583  2.182   1.00 0.20 ? 7  DT  A "H4'"  1 
ATOM   214 H "H3'"  . DT  A 1 7 ? 1.571   11.312  4.624   1.00 0.18 ? 7  DT  A "H3'"  1 
ATOM   215 H "H2'"  . DT  A 1 7 ? 1.864   9.123   5.330   1.00 0.14 ? 7  DT  A "H2'"  1 
ATOM   216 H "H2''" . DT  A 1 7 ? 0.254   9.410   6.035   1.00 0.15 ? 7  DT  A "H2''" 1 
ATOM   217 H "H1'"  . DT  A 1 7 ? -0.835  8.493   4.186   1.00 0.12 ? 7  DT  A "H1'"  1 
ATOM   218 H H3     . DT  A 1 7 ? -0.763  4.029   5.080   1.00 0.07 ? 7  DT  A H3     1 
ATOM   219 H H71    . DT  A 1 7 ? 4.046   5.688   6.233   1.00 0.17 ? 7  DT  A H71    1 
ATOM   220 H H72    . DT  A 1 7 ? 4.311   5.250   4.536   1.00 0.16 ? 7  DT  A H72    1 
ATOM   221 H H73    . DT  A 1 7 ? 3.823   4.003   5.693   1.00 0.11 ? 7  DT  A H73    1 
ATOM   222 H H6     . DT  A 1 7 ? 2.616   7.355   4.514   1.00 0.11 ? 7  DT  A H6     1 
ATOM   223 P P      . DA  A 1 8 ? -1.179  11.942  5.551   1.00 0.21 ? 8  DA  A P      1 
ATOM   224 O OP1    . DA  A 1 8 ? -1.999  13.084  5.092   1.00 1.32 ? 8  DA  A OP1    1 
ATOM   225 O OP2    . DA  A 1 8 ? -0.173  12.144  6.619   1.00 1.28 ? 8  DA  A OP2    1 
ATOM   226 O "O5'"  . DA  A 1 8 ? -2.175  10.757  6.021   1.00 0.19 ? 8  DA  A "O5'"  1 
ATOM   227 C "C5'"  . DA  A 1 8 ? -3.408  10.472  5.329   1.00 0.18 ? 8  DA  A "C5'"  1 
ATOM   228 C "C4'"  . DA  A 1 8 ? -4.249  9.389   6.018   1.00 0.16 ? 8  DA  A "C4'"  1 
ATOM   229 O "O4'"  . DA  A 1 8 ? -3.594  8.107   6.032   1.00 0.11 ? 8  DA  A "O4'"  1 
ATOM   230 C "C3'"  . DA  A 1 8 ? -4.601  9.735   7.470   1.00 0.21 ? 8  DA  A "C3'"  1 
ATOM   231 O "O3'"  . DA  A 1 8 ? -5.999  9.526   7.730   1.00 0.22 ? 8  DA  A "O3'"  1 
ATOM   232 C "C2'"  . DA  A 1 8 ? -3.684  8.799   8.204   1.00 0.21 ? 8  DA  A "C2'"  1 
ATOM   233 C "C1'"  . DA  A 1 8 ? -3.702  7.561   7.346   1.00 0.16 ? 8  DA  A "C1'"  1 
ATOM   234 N N9     . DA  A 1 8 ? -2.542  6.702   7.609   1.00 0.15 ? 8  DA  A N9     1 
ATOM   235 C C8     . DA  A 1 8 ? -1.265  7.112   7.603   1.00 0.15 ? 8  DA  A C8     1 
ATOM   236 N N7     . DA  A 1 8 ? -0.352  6.208   7.784   1.00 0.15 ? 8  DA  A N7     1 
ATOM   237 C C5     . DA  A 1 8 ? -1.130  5.064   7.977   1.00 0.17 ? 8  DA  A C5     1 
ATOM   238 C C6     . DA  A 1 8 ? -0.795  3.739   8.284   1.00 0.19 ? 8  DA  A C6     1 
ATOM   239 N N6     . DA  A 1 8 ? 0.459   3.301   8.320   1.00 0.23 ? 8  DA  A N6     1 
ATOM   240 N N1     . DA  A 1 8 ? -1.800  2.883   8.526   1.00 0.20 ? 8  DA  A N1     1 
ATOM   241 C C2     . DA  A 1 8 ? -3.060  3.315   8.445   1.00 0.18 ? 8  DA  A C2     1 
ATOM   242 N N3     . DA  A 1 8 ? -3.500  4.511   8.083   1.00 0.17 ? 8  DA  A N3     1 
ATOM   243 C C4     . DA  A 1 8 ? -2.469  5.354   7.866   1.00 0.16 ? 8  DA  A C4     1 
ATOM   244 H "H5'"  . DA  A 1 8 ? -3.187  10.138  4.315   1.00 0.17 ? 8  DA  A "H5'"  1 
ATOM   245 H "H5''" . DA  A 1 8 ? -4.002  11.387  5.278   1.00 0.23 ? 8  DA  A "H5''" 1 
ATOM   246 H "H4'"  . DA  A 1 8 ? -5.195  9.251   5.496   1.00 0.15 ? 8  DA  A "H4'"  1 
ATOM   247 H "H3'"  . DA  A 1 8 ? -4.353  10.763  7.693   1.00 0.24 ? 8  DA  A "H3'"  1 
ATOM   248 H "H2'"  . DA  A 1 8 ? -2.687  9.212   8.250   1.00 0.22 ? 8  DA  A "H2'"  1 
ATOM   249 H "H2''" . DA  A 1 8 ? -3.959  8.619   9.225   1.00 0.25 ? 8  DA  A "H2''" 1 
ATOM   250 H "H1'"  . DA  A 1 8 ? -4.662  7.101   7.481   1.00 0.17 ? 8  DA  A "H1'"  1 
ATOM   251 H H8     . DA  A 1 8 ? -1.138  8.189   7.639   1.00 0.16 ? 8  DA  A H8     1 
ATOM   252 H H61    . DA  A 1 8 ? 0.646   2.313   8.437   1.00 0.26 ? 8  DA  A H61    1 
ATOM   253 H H62    . DA  A 1 8 ? 1.221   3.944   8.159   1.00 0.24 ? 8  DA  A H62    1 
ATOM   254 H H2     . DA  A 1 8 ? -3.829  2.589   8.711   1.00 0.17 ? 8  DA  A H2     1 
ATOM   255 P P      . DC  A 1 9 ? -6.691  9.699   9.181   1.00 0.28 ? 9  DC  A P      1 
ATOM   256 O OP1    . DC  A 1 9 ? -8.136  9.941   8.971   1.00 1.43 ? 9  DC  A OP1    1 
ATOM   257 O OP2    . DC  A 1 9 ? -5.893  10.649  9.990   1.00 1.19 ? 9  DC  A OP2    1 
ATOM   258 O "O5'"  . DC  A 1 9 ? -6.520  8.221   9.812   1.00 0.30 ? 9  DC  A "O5'"  1 
ATOM   259 C "C5'"  . DC  A 1 9 ? -7.301  7.120   9.313   1.00 0.28 ? 9  DC  A "C5'"  1 
ATOM   260 C "C4'"  . DC  A 1 9 ? -7.035  5.800   10.041  1.00 0.33 ? 9  DC  A "C4'"  1 
ATOM   261 O "O4'"  . DC  A 1 9 ? -5.655  5.374   9.904   1.00 0.30 ? 9  DC  A "O4'"  1 
ATOM   262 C "C3'"  . DC  A 1 9 ? -7.321  5.882   11.553  1.00 0.41 ? 9  DC  A "C3'"  1 
ATOM   263 O "O3'"  . DC  A 1 9 ? -7.776  4.614   12.048  1.00 0.47 ? 9  DC  A "O3'"  1 
ATOM   264 C "C2'"  . DC  A 1 9 ? -5.924  6.127   12.054  1.00 0.40 ? 9  DC  A "C2'"  1 
ATOM   265 C "C1'"  . DC  A 1 9 ? -5.166  5.121   11.228  1.00 0.33 ? 9  DC  A "C1'"  1 
ATOM   266 N N1     . DC  A 1 9 ? -3.696  5.155   11.378  1.00 0.30 ? 9  DC  A N1     1 
ATOM   267 C C2     . DC  A 1 9 ? -3.088  4.117   12.061  1.00 0.30 ? 9  DC  A C2     1 
ATOM   268 O O2     . DC  A 1 9 ? -3.749  3.239   12.610  1.00 0.29 ? 9  DC  A O2     1 
ATOM   269 N N3     . DC  A 1 9 ? -1.733  4.067   12.098  1.00 0.31 ? 9  DC  A N3     1 
ATOM   270 C C4     . DC  A 1 9 ? -1.003  5.045   11.564  1.00 0.31 ? 9  DC  A C4     1 
ATOM   271 N N4     . DC  A 1 9 ? 0.317   4.910   11.585  1.00 0.34 ? 9  DC  A N4     1 
ATOM   272 C C5     . DC  A 1 9 ? -1.621  6.190   10.967  1.00 0.30 ? 9  DC  A C5     1 
ATOM   273 C C6     . DC  A 1 9 ? -2.962  6.146   10.813  1.00 0.29 ? 9  DC  A C6     1 
ATOM   274 H "H5'"  . DC  A 1 9 ? -7.102  6.972   8.252   1.00 0.22 ? 9  DC  A "H5'"  1 
ATOM   275 H "H5''" . DC  A 1 9 ? -8.359  7.362   9.426   1.00 0.29 ? 9  DC  A "H5''" 1 
ATOM   276 H "H4'"  . DC  A 1 9 ? -7.668  5.024   9.614   1.00 0.33 ? 9  DC  A "H4'"  1 
ATOM   277 H "H3'"  . DC  A 1 9 ? -8.036  6.658   11.808  1.00 0.44 ? 9  DC  A "H3'"  1 
ATOM   278 H "HO3'" . DC  A 1 9 ? -8.632  4.440   11.649  1.00 0.89 ? 9  DC  A "HO3'" 1 
ATOM   279 H "H2'"  . DC  A 1 9 ? -5.616  7.143   11.798  1.00 0.39 ? 9  DC  A "H2'"  1 
ATOM   280 H "H2''" . DC  A 1 9 ? -5.810  5.942   13.121  1.00 0.45 ? 9  DC  A "H2''" 1 
ATOM   281 H "H1'"  . DC  A 1 9 ? -5.521  4.142   11.515  1.00 0.36 ? 9  DC  A "H1'"  1 
ATOM   282 H H41    . DC  A 1 9 ? 0.729   4.022   11.857  1.00 0.36 ? 9  DC  A H41    1 
ATOM   283 H H42    . DC  A 1 9 ? 0.905   5.660   11.254  1.00 0.35 ? 9  DC  A H42    1 
ATOM   284 H H5     . DC  A 1 9 ? -1.040  7.056   10.652  1.00 0.29 ? 9  DC  A H5     1 
ATOM   285 H H6     . DC  A 1 9 ? -3.477  6.831   10.147  1.00 0.27 ? 9  DC  A H6     1 
ATOM   286 O "O5'"  . DG  B 2 1 ? 2.876   -5.399  13.076  1.00 0.54 ? 10 DG  B "O5'"  1 
ATOM   287 C "C5'"  . DG  B 2 1 ? 1.779   -5.921  13.833  1.00 0.61 ? 10 DG  B "C5'"  1 
ATOM   288 C "C4'"  . DG  B 2 1 ? 0.441   -5.399  13.309  1.00 0.59 ? 10 DG  B "C4'"  1 
ATOM   289 O "O4'"  . DG  B 2 1 ? 0.439   -3.956  13.339  1.00 0.54 ? 10 DG  B "O4'"  1 
ATOM   290 C "C3'"  . DG  B 2 1 ? 0.184   -5.817  11.855  1.00 0.57 ? 10 DG  B "C3'"  1 
ATOM   291 O "O3'"  . DG  B 2 1 ? -0.886  -6.775  11.779  1.00 0.62 ? 10 DG  B "O3'"  1 
ATOM   292 C "C2'"  . DG  B 2 1 ? -0.094  -4.505  11.164  1.00 0.50 ? 10 DG  B "C2'"  1 
ATOM   293 C "C1'"  . DG  B 2 1 ? -0.298  -3.449  12.214  1.00 0.49 ? 10 DG  B "C1'"  1 
ATOM   294 N N9     . DG  B 2 1 ? 0.321   -2.164  11.829  1.00 0.43 ? 10 DG  B N9     1 
ATOM   295 C C8     . DG  B 2 1 ? 1.637   -1.872  11.645  1.00 0.44 ? 10 DG  B C8     1 
ATOM   296 N N7     . DG  B 2 1 ? 1.947   -0.612  11.576  1.00 0.38 ? 10 DG  B N7     1 
ATOM   297 C C5     . DG  B 2 1 ? 0.698   0.000   11.694  1.00 0.35 ? 10 DG  B C5     1 
ATOM   298 C C6     . DG  B 2 1 ? 0.352   1.380   11.726  1.00 0.31 ? 10 DG  B C6     1 
ATOM   299 O O6     . DG  B 2 1 ? 1.071   2.368   11.613  1.00 0.30 ? 10 DG  B O6     1 
ATOM   300 N N1     . DG  B 2 1 ? -1.003  1.560   11.901  1.00 0.30 ? 10 DG  B N1     1 
ATOM   301 C C2     . DG  B 2 1 ? -1.936  0.554   11.893  1.00 0.31 ? 10 DG  B C2     1 
ATOM   302 N N2     . DG  B 2 1 ? -3.208  0.905   11.826  1.00 0.28 ? 10 DG  B N2     1 
ATOM   303 N N3     . DG  B 2 1 ? -1.632  -0.738  11.832  1.00 0.34 ? 10 DG  B N3     1 
ATOM   304 C C4     . DG  B 2 1 ? -0.298  -0.943  11.786  1.00 0.37 ? 10 DG  B C4     1 
ATOM   305 H "H5'"  . DG  B 2 1 ? 1.892   -5.615  14.874  1.00 0.64 ? 10 DG  B "H5'"  1 
ATOM   306 H "H5''" . DG  B 2 1 ? 1.790   -7.010  13.781  1.00 0.65 ? 10 DG  B "H5''" 1 
ATOM   307 H "H4'"  . DG  B 2 1 ? -0.356  -5.808  13.933  1.00 0.64 ? 10 DG  B "H4'"  1 
ATOM   308 H "H3'"  . DG  B 2 1 ? 1.088   -6.164  11.352  1.00 0.54 ? 10 DG  B "H3'"  1 
ATOM   309 H "H2'"  . DG  B 2 1 ? 0.795   -4.296  10.590  1.00 0.47 ? 10 DG  B "H2'"  1 
ATOM   310 H "H2''" . DG  B 2 1 ? -0.941  -4.555  10.502  1.00 0.50 ? 10 DG  B "H2''" 1 
ATOM   311 H "H1'"  . DG  B 2 1 ? -1.372  -3.311  12.335  1.00 0.50 ? 10 DG  B "H1'"  1 
ATOM   312 H H8     . DG  B 2 1 ? 2.376   -2.669  11.566  1.00 0.49 ? 10 DG  B H8     1 
ATOM   313 H H1     . DG  B 2 1 ? -1.287  2.515   12.076  1.00 0.30 ? 10 DG  B H1     1 
ATOM   314 H H21    . DG  B 2 1 ? -3.497  1.850   12.057  1.00 0.28 ? 10 DG  B H21    1 
ATOM   315 H H22    . DG  B 2 1 ? -3.889  0.193   11.607  1.00 0.28 ? 10 DG  B H22    1 
ATOM   316 H "HO5'" . DG  B 2 1 ? 2.689   -4.461  12.963  1.00 0.50 ? 10 DG  B "HO5'" 1 
ATOM   317 P P      . DT  B 2 2 ? -1.680  -7.145  10.417  1.00 0.61 ? 11 DT  B P      1 
ATOM   318 O OP1    . DT  B 2 2 ? -2.509  -8.343  10.668  1.00 1.31 ? 11 DT  B OP1    1 
ATOM   319 O OP2    . DT  B 2 2 ? -0.714  -7.136  9.296   1.00 1.53 ? 11 DT  B OP2    1 
ATOM   320 O "O5'"  . DT  B 2 2 ? -2.656  -5.867  10.235  1.00 0.55 ? 11 DT  B "O5'"  1 
ATOM   321 C "C5'"  . DT  B 2 2 ? -3.736  -5.570  11.142  1.00 0.55 ? 11 DT  B "C5'"  1 
ATOM   322 C "C4'"  . DT  B 2 2 ? -4.559  -4.346  10.707  1.00 0.47 ? 11 DT  B "C4'"  1 
ATOM   323 O "O4'"  . DT  B 2 2 ? -3.784  -3.132  10.693  1.00 0.42 ? 11 DT  B "O4'"  1 
ATOM   324 C "C3'"  . DT  B 2 2 ? -5.153  -4.505  9.303   1.00 0.44 ? 11 DT  B "C3'"  1 
ATOM   325 O "O3'"  . DT  B 2 2 ? -6.584  -4.318  9.306   1.00 0.41 ? 11 DT  B "O3'"  1 
ATOM   326 C "C2'"  . DT  B 2 2 ? -4.355  -3.540  8.491   1.00 0.39 ? 11 DT  B "C2'"  1 
ATOM   327 C "C1'"  . DT  B 2 2 ? -4.040  -2.438  9.462   1.00 0.36 ? 11 DT  B "C1'"  1 
ATOM   328 N N1     . DT  B 2 2 ? -2.828  -1.695  9.079   1.00 0.32 ? 11 DT  B N1     1 
ATOM   329 C C2     . DT  B 2 2 ? -2.848  -0.314  9.006   1.00 0.25 ? 11 DT  B C2     1 
ATOM   330 O O2     . DT  B 2 2 ? -3.860  0.369   9.134   1.00 0.21 ? 11 DT  B O2     1 
ATOM   331 N N3     . DT  B 2 2 ? -1.639  0.281   8.746   1.00 0.23 ? 11 DT  B N3     1 
ATOM   332 C C4     . DT  B 2 2 ? -0.447  -0.356  8.505   1.00 0.26 ? 11 DT  B C4     1 
ATOM   333 O O4     . DT  B 2 2 ? 0.555   0.316   8.277   1.00 0.25 ? 11 DT  B O4     1 
ATOM   334 C C5     . DT  B 2 2 ? -0.528  -1.802  8.547   1.00 0.33 ? 11 DT  B C5     1 
ATOM   335 C C7     . DT  B 2 2 ? 0.712   -2.659  8.272   1.00 0.43 ? 11 DT  B C7     1 
ATOM   336 C C6     . DT  B 2 2 ? -1.691  -2.401  8.860   1.00 0.37 ? 11 DT  B C6     1 
ATOM   337 H "H5'"  . DT  B 2 2 ? -3.331  -5.375  12.136  1.00 0.58 ? 11 DT  B "H5'"  1 
ATOM   338 H "H5''" . DT  B 2 2 ? -4.403  -6.431  11.194  1.00 0.59 ? 11 DT  B "H5''" 1 
ATOM   339 H "H4'"  . DT  B 2 2 ? -5.390  -4.216  11.400  1.00 0.48 ? 11 DT  B "H4'"  1 
ATOM   340 H "H3'"  . DT  B 2 2 ? -4.824  -5.445  8.898   1.00 0.49 ? 11 DT  B "H3'"  1 
ATOM   341 H "H2'"  . DT  B 2 2 ? -3.471  -4.076  8.161   1.00 0.42 ? 11 DT  B "H2'"  1 
ATOM   342 H "H2''" . DT  B 2 2 ? -4.849  -3.172  7.608   1.00 0.36 ? 11 DT  B "H2''" 1 
ATOM   343 H "H1'"  . DT  B 2 2 ? -4.938  -1.846  9.477   1.00 0.33 ? 11 DT  B "H1'"  1 
ATOM   344 H H3     . DT  B 2 2 ? -1.634  1.290   8.716   1.00 0.21 ? 11 DT  B H3     1 
ATOM   345 H H71    . DT  B 2 2 ? 1.098   -3.050  9.207   1.00 1.10 ? 11 DT  B H71    1 
ATOM   346 H H72    . DT  B 2 2 ? 1.493   -2.056  7.813   1.00 0.66 ? 11 DT  B H72    1 
ATOM   347 H H73    . DT  B 2 2 ? 0.452   -3.493  7.619   1.00 1.42 ? 11 DT  B H73    1 
ATOM   348 H H6     . DT  B 2 2 ? -1.826  -3.483  8.926   1.00 0.45 ? 11 DT  B H6     1 
ATOM   349 P P      . DA  B 2 3 ? -7.526  -4.179  7.993   1.00 0.38 ? 12 DA  B P      1 
ATOM   350 O OP1    . DA  B 2 3 ? -8.930  -4.396  8.409   1.00 1.45 ? 12 DA  B OP1    1 
ATOM   351 O OP2    . DA  B 2 3 ? -6.945  -5.010  6.915   1.00 1.22 ? 12 DA  B OP2    1 
ATOM   352 O "O5'"  . DA  B 2 3 ? -7.334  -2.613  7.600   1.00 0.31 ? 12 DA  B "O5'"  1 
ATOM   353 C "C5'"  . DA  B 2 3 ? -7.960  -1.570  8.375   1.00 0.30 ? 12 DA  B "C5'"  1 
ATOM   354 C "C4'"  . DA  B 2 3 ? -7.934  -0.180  7.717   1.00 0.26 ? 12 DA  B "C4'"  1 
ATOM   355 O "O4'"  . DA  B 2 3 ? -6.650  0.471   7.613   1.00 0.22 ? 12 DA  B "O4'"  1 
ATOM   356 C "C3'"  . DA  B 2 3 ? -8.522  -0.192  6.316   1.00 0.26 ? 12 DA  B "C3'"  1 
ATOM   357 O "O3'"  . DA  B 2 3 ? -9.359  0.968   6.172   1.00 0.27 ? 12 DA  B "O3'"  1 
ATOM   358 C "C2'"  . DA  B 2 3 ? -7.256  -0.205  5.475   1.00 0.23 ? 12 DA  B "C2'"  1 
ATOM   359 C "C1'"  . DA  B 2 3 ? -6.359  0.735   6.225   1.00 0.19 ? 12 DA  B "C1'"  1 
ATOM   360 N N9     . DA  B 2 3 ? -4.937  0.513   6.026   1.00 0.17 ? 12 DA  B N9     1 
ATOM   361 C C8     . DA  B 2 3 ? -4.260  -0.638  6.125   1.00 0.18 ? 12 DA  B C8     1 
ATOM   362 N N7     . DA  B 2 3 ? -2.963  -0.564  6.030   1.00 0.15 ? 12 DA  B N7     1 
ATOM   363 C C5     . DA  B 2 3 ? -2.781  0.806   5.818   1.00 0.11 ? 12 DA  B C5     1 
ATOM   364 C C6     . DA  B 2 3 ? -1.653  1.583   5.526   1.00 0.08 ? 12 DA  B C6     1 
ATOM   365 N N6     . DA  B 2 3 ? -0.424  1.078   5.477   1.00 0.08 ? 12 DA  B N6     1 
ATOM   366 N N1     . DA  B 2 3 ? -1.854  2.885   5.253   1.00 0.06 ? 12 DA  B N1     1 
ATOM   367 C C2     . DA  B 2 3 ? -3.102  3.362   5.222   1.00 0.06 ? 12 DA  B C2     1 
ATOM   368 N N3     . DA  B 2 3 ? -4.220  2.756   5.557   1.00 0.09 ? 12 DA  B N3     1 
ATOM   369 C C4     . DA  B 2 3 ? -3.985  1.459   5.816   1.00 0.12 ? 12 DA  B C4     1 
ATOM   370 H "H5'"  . DA  B 2 3 ? -7.489  -1.497  9.354   1.00 0.30 ? 12 DA  B "H5'"  1 
ATOM   371 H "H5''" . DA  B 2 3 ? -9.007  -1.843  8.519   1.00 0.32 ? 12 DA  B "H5''" 1 
ATOM   372 H "H4'"  . DA  B 2 3 ? -8.571  0.470   8.318   1.00 0.27 ? 12 DA  B "H4'"  1 
ATOM   373 H "H3'"  . DA  B 2 3 ? -9.123  -1.074  6.142   1.00 0.29 ? 12 DA  B "H3'"  1 
ATOM   374 H "H2'"  . DA  B 2 3 ? -6.804  -1.194  5.436   1.00 0.25 ? 12 DA  B "H2'"  1 
ATOM   375 H "H2''" . DA  B 2 3 ? -7.406  0.130   4.458   1.00 0.23 ? 12 DA  B "H2''" 1 
ATOM   376 H "H1'"  . DA  B 2 3 ? -6.568  1.710   5.818   1.00 0.16 ? 12 DA  B "H1'"  1 
ATOM   377 H H8     . DA  B 2 3 ? -4.875  -1.529  6.101   1.00 0.23 ? 12 DA  B H8     1 
ATOM   378 H H61    . DA  B 2 3 ? 0.359   1.672   5.231   1.00 0.07 ? 12 DA  B H61    1 
ATOM   379 H H62    . DA  B 2 3 ? -0.271  0.098   5.669   1.00 0.10 ? 12 DA  B H62    1 
ATOM   380 H H2     . DA  B 2 3 ? -3.274  4.362   4.838   1.00 0.05 ? 12 DA  B H2     1 
ATOM   381 P P      . DC  B 2 4 ? -10.132 1.291   4.805   1.00 0.27 ? 13 DC  B P      1 
ATOM   382 O OP1    . DC  B 2 4 ? -10.996 2.475   5.018   1.00 1.46 ? 13 DC  B OP1    1 
ATOM   383 O OP2    . DC  B 2 4 ? -10.714 0.037   4.275   1.00 1.16 ? 13 DC  B OP2    1 
ATOM   384 O "O5'"  . DC  B 2 4 ? -8.884  1.706   3.894   1.00 0.24 ? 13 DC  B "O5'"  1 
ATOM   385 C "C5'"  . DC  B 2 4 ? -8.619  3.036   3.435   1.00 0.20 ? 13 DC  B "C5'"  1 
ATOM   386 C "C4'"  . DC  B 2 4 ? -7.407  3.027   2.515   1.00 0.19 ? 13 DC  B "C4'"  1 
ATOM   387 O "O4'"  . DC  B 2 4 ? -6.179  2.677   3.170   1.00 0.15 ? 13 DC  B "O4'"  1 
ATOM   388 C "C3'"  . DC  B 2 4 ? -7.586  1.940   1.463   1.00 0.26 ? 13 DC  B "C3'"  1 
ATOM   389 O "O3'"  . DC  B 2 4 ? -8.381  2.373   0.347   1.00 0.32 ? 13 DC  B "O3'"  1 
ATOM   390 C "C2'"  . DC  B 2 4 ? -6.182  1.583   1.127   1.00 0.21 ? 13 DC  B "C2'"  1 
ATOM   391 C "C1'"  . DC  B 2 4 ? -5.301  2.297   2.101   1.00 0.16 ? 13 DC  B "C1'"  1 
ATOM   392 N N1     . DC  B 2 4 ? -4.157  1.491   2.546   1.00 0.15 ? 13 DC  B N1     1 
ATOM   393 C C2     . DC  B 2 4 ? -2.881  1.995   2.395   1.00 0.15 ? 13 DC  B C2     1 
ATOM   394 O O2     . DC  B 2 4 ? -2.685  3.191   2.200   1.00 0.15 ? 13 DC  B O2     1 
ATOM   395 N N3     . DC  B 2 4 ? -1.834  1.138   2.481   1.00 0.17 ? 13 DC  B N3     1 
ATOM   396 C C4     . DC  B 2 4 ? -2.035  -0.140  2.813   1.00 0.19 ? 13 DC  B C4     1 
ATOM   397 N N4     . DC  B 2 4 ? -0.962  -0.912  2.969   1.00 0.22 ? 13 DC  B N4     1 
ATOM   398 C C5     . DC  B 2 4 ? -3.355  -0.648  3.065   1.00 0.20 ? 13 DC  B C5     1 
ATOM   399 C C6     . DC  B 2 4 ? -4.372  0.239   2.989   1.00 0.17 ? 13 DC  B C6     1 
ATOM   400 H "H5'"  . DC  B 2 4 ? -8.444  3.720   4.267   1.00 0.17 ? 13 DC  B "H5'"  1 
ATOM   401 H "H5''" . DC  B 2 4 ? -9.485  3.377   2.865   1.00 0.22 ? 13 DC  B "H5''" 1 
ATOM   402 H "H4'"  . DC  B 2 4 ? -7.312  3.993   2.019   1.00 0.17 ? 13 DC  B "H4'"  1 
ATOM   403 H "H3'"  . DC  B 2 4 ? -7.957  1.047   1.944   1.00 0.29 ? 13 DC  B "H3'"  1 
ATOM   404 H "H2'"  . DC  B 2 4 ? -6.004  0.509   1.083   1.00 0.21 ? 13 DC  B "H2'"  1 
ATOM   405 H "H2''" . DC  B 2 4 ? -6.005  2.037   0.185   1.00 0.24 ? 13 DC  B "H2''" 1 
ATOM   406 H "H1'"  . DC  B 2 4 ? -4.951  3.095   1.470   1.00 0.16 ? 13 DC  B "H1'"  1 
ATOM   407 H H41    . DC  B 2 4 ? -0.047  -0.513  2.785   1.00 1.09 ? 13 DC  B H41    1 
ATOM   408 H H42    . DC  B 2 4 ? -1.052  -1.877  3.255   1.00 0.68 ? 13 DC  B H42    1 
ATOM   409 H H5     . DC  B 2 4 ? -3.529  -1.704  3.262   1.00 0.23 ? 13 DC  B H5     1 
ATOM   410 H H6     . DC  B 2 4 ? -5.415  0.054   3.264   1.00 0.18 ? 13 DC  B H6     1 
HETATM 411 P P      . NP3 B 2 5 ? -8.399  1.714   -1.136  1.00 0.40 ? 14 NP3 B P      1 
HETATM 412 O O1P    . NP3 B 2 5 ? -9.782  1.789   -1.659  1.00 1.40 ? 14 NP3 B O1P    1 
HETATM 413 O O2P    . NP3 B 2 5 ? -7.692  0.412   -1.100  1.00 1.30 ? 14 NP3 B O2P    1 
HETATM 414 O "O5'"  . NP3 B 2 5 ? -7.479  2.773   -1.960  1.00 0.40 ? 14 NP3 B "O5'"  1 
HETATM 415 C "C5'"  . NP3 B 2 5 ? -7.800  4.179   -1.905  1.00 0.42 ? 14 NP3 B "C5'"  1 
HETATM 416 C "C4'"  . NP3 B 2 5 ? -6.650  5.142   -2.247  1.00 0.41 ? 14 NP3 B "C4'"  1 
HETATM 417 O "O4'"  . NP3 B 2 5 ? -5.563  4.856   -1.358  1.00 0.32 ? 14 NP3 B "O4'"  1 
HETATM 418 C "C1'"  . NP3 B 2 5 ? -4.497  4.356   -2.159  1.00 0.29 ? 14 NP3 B "C1'"  1 
HETATM 419 N N1     . NP3 B 2 5 ? -3.879  3.202   -1.554  1.00 0.27 ? 14 NP3 B N1     1 
HETATM 420 C C5     . NP3 B 2 5 ? -2.655  3.171   -0.961  1.00 0.26 ? 14 NP3 B C5     1 
HETATM 421 C C2     . NP3 B 2 5 ? -4.364  1.953   -1.485  1.00 0.29 ? 14 NP3 B C2     1 
HETATM 422 C C3     . NP3 B 2 5 ? -3.540  1.096   -0.894  1.00 0.28 ? 14 NP3 B C3     1 
HETATM 423 C C4     . NP3 B 2 5 ? -2.454  1.902   -0.563  1.00 0.26 ? 14 NP3 B C4     1 
HETATM 424 N N3     . NP3 B 2 5 ? -3.704  -0.194  -0.731  1.00 0.30 ? 14 NP3 B N3     1 
HETATM 425 O ON1    . NP3 B 2 5 ? -3.273  -0.970  -1.629  1.00 1.29 ? 14 NP3 B ON1    1 
HETATM 426 O ON2    . NP3 B 2 5 ? -4.279  -0.647  0.291   1.00 0.97 ? 14 NP3 B ON2    1 
HETATM 427 C "C2'"  . NP3 B 2 5 ? -5.128  3.973   -3.490  1.00 0.35 ? 14 NP3 B "C2'"  1 
HETATM 428 C "C3'"  . NP3 B 2 5 ? -6.111  5.075   -3.685  1.00 0.44 ? 14 NP3 B "C3'"  1 
HETATM 429 O "O3'"  . NP3 B 2 5 ? -5.467  6.306   -4.072  1.00 0.53 ? 14 NP3 B "O3'"  1 
HETATM 430 H "H5'1" . NP3 B 2 5 ? -8.030  4.372   -0.860  1.00 0.42 ? 14 NP3 B "H5'1" 1 
HETATM 431 H "H5'2" . NP3 B 2 5 ? -8.661  4.379   -2.538  1.00 0.48 ? 14 NP3 B "H5'2" 1 
HETATM 432 H "H4'"  . NP3 B 2 5 ? -6.923  6.174   -2.049  1.00 0.44 ? 14 NP3 B "H4'"  1 
HETATM 433 H "H1'"  . NP3 B 2 5 ? -3.731  5.106   -2.262  1.00 0.28 ? 14 NP3 B "H1'"  1 
HETATM 434 H H5     . NP3 B 2 5 ? -1.972  4.012   -0.838  1.00 0.25 ? 14 NP3 B H5     1 
HETATM 435 H H2     . NP3 B 2 5 ? -5.341  1.703   -1.860  1.00 0.32 ? 14 NP3 B H2     1 
HETATM 436 H H4     . NP3 B 2 5 ? -1.575  1.589   -0.051  1.00 0.27 ? 14 NP3 B H4     1 
HETATM 437 H "H2'1" . NP3 B 2 5 ? -5.714  3.058   -3.403  1.00 0.33 ? 14 NP3 B "H2'1" 1 
HETATM 438 H "H2'2" . NP3 B 2 5 ? -4.397  3.859   -4.288  1.00 0.38 ? 14 NP3 B "H2'2" 1 
HETATM 439 H "H3'"  . NP3 B 2 5 ? -6.906  4.844   -4.395  1.00 0.50 ? 14 NP3 B "H3'"  1 
ATOM   440 P P      . DC  B 2 6 ? -4.390  6.429   -5.278  1.00 0.60 ? 15 DC  B P      1 
ATOM   441 O OP1    . DC  B 2 6 ? -4.345  7.846   -5.705  1.00 1.62 ? 15 DC  B OP1    1 
ATOM   442 O OP2    . DC  B 2 6 ? -4.681  5.378   -6.280  1.00 1.24 ? 15 DC  B OP2    1 
ATOM   443 O "O5'"  . DC  B 2 6 ? -2.989  6.055   -4.547  1.00 0.48 ? 15 DC  B "O5'"  1 
ATOM   444 C "C5'"  . DC  B 2 6 ? -2.150  7.079   -3.974  1.00 0.35 ? 15 DC  B "C5'"  1 
ATOM   445 C "C4'"  . DC  B 2 6 ? -0.695  7.026   -4.460  1.00 0.49 ? 15 DC  B "C4'"  1 
ATOM   446 O "O4'"  . DC  B 2 6 ? 0.113   5.942   -3.954  1.00 0.71 ? 15 DC  B "O4'"  1 
ATOM   447 C "C3'"  . DC  B 2 6 ? -0.564  7.006   -5.981  1.00 0.57 ? 15 DC  B "C3'"  1 
ATOM   448 O "O3'"  . DC  B 2 6 ? 0.564   7.815   -6.384  1.00 0.63 ? 15 DC  B "O3'"  1 
ATOM   449 C "C2'"  . DC  B 2 6 ? -0.322  5.529   -6.241  1.00 0.71 ? 15 DC  B "C2'"  1 
ATOM   450 C "C1'"  . DC  B 2 6 ? 0.211   4.914   -4.957  1.00 0.62 ? 15 DC  B "C1'"  1 
ATOM   451 N N1     . DC  B 2 6 ? -0.264  3.594   -4.473  1.00 0.57 ? 15 DC  B N1     1 
ATOM   452 C C2     . DC  B 2 6 ? 0.686   2.725   -3.958  1.00 0.51 ? 15 DC  B C2     1 
ATOM   453 O O2     . DC  B 2 6 ? 1.881   3.002   -3.973  1.00 0.49 ? 15 DC  B O2     1 
ATOM   454 N N3     . DC  B 2 6 ? 0.287   1.538   -3.440  1.00 0.50 ? 15 DC  B N3     1 
ATOM   455 C C4     . DC  B 2 6 ? -1.002  1.193   -3.437  1.00 0.52 ? 15 DC  B C4     1 
ATOM   456 N N4     . DC  B 2 6 ? -1.311  0.024   -2.873  1.00 0.50 ? 15 DC  B N4     1 
ATOM   457 C C5     . DC  B 2 6 ? -1.999  2.071   -3.989  1.00 0.57 ? 15 DC  B C5     1 
ATOM   458 C C6     . DC  B 2 6 ? -1.572  3.255   -4.491  1.00 0.59 ? 15 DC  B C6     1 
ATOM   459 H "H5'"  . DC  B 2 6 ? -2.143  7.010   -2.887  1.00 0.33 ? 15 DC  B "H5'"  1 
ATOM   460 H "H5''" . DC  B 2 6 ? -2.546  8.059   -4.249  1.00 0.22 ? 15 DC  B "H5''" 1 
ATOM   461 H "H4'"  . DC  B 2 6 ? -0.227  7.946   -4.109  1.00 0.45 ? 15 DC  B "H4'"  1 
ATOM   462 H "H3'"  . DC  B 2 6 ? -1.461  7.396   -6.464  1.00 0.52 ? 15 DC  B "H3'"  1 
ATOM   463 H "H2'"  . DC  B 2 6 ? -1.074  4.943   -6.771  1.00 0.37 ? 15 DC  B "H2'"  1 
ATOM   464 H "H2''" . DC  B 2 6 ? 0.552   5.658   -6.863  1.00 1.67 ? 15 DC  B "H2''" 1 
ATOM   465 H "H1'"  . DC  B 2 6 ? 1.234   4.690   -5.228  1.00 0.56 ? 15 DC  B "H1'"  1 
ATOM   466 H H41    . DC  B 2 6 ? -0.552  -0.614  -2.630  1.00 0.49 ? 15 DC  B H41    1 
ATOM   467 H H42    . DC  B 2 6 ? -2.266  -0.286  -2.688  1.00 0.48 ? 15 DC  B H42    1 
ATOM   468 H H5     . DC  B 2 6 ? -3.050  1.786   -4.019  1.00 0.59 ? 15 DC  B H5     1 
ATOM   469 H H6     . DC  B 2 6 ? -2.232  3.989   -4.939  1.00 0.61 ? 15 DC  B H6     1 
ATOM   470 P P      . DA  B 2 7 ? 1.332   7.755   -7.817  1.00 0.73 ? 16 DA  B P      1 
ATOM   471 O OP1    . DA  B 2 7 ? 2.362   8.819   -7.826  1.00 0.50 ? 16 DA  B OP1    1 
ATOM   472 O OP2    . DA  B 2 7 ? 0.317   7.717   -8.893  1.00 2.09 ? 16 DA  B OP2    1 
ATOM   473 O "O5'"  . DA  B 2 7 ? 2.087   6.314   -7.774  1.00 0.45 ? 16 DA  B "O5'"  1 
ATOM   474 C "C5'"  . DA  B 2 7 ? 3.292   6.121   -7.006  1.00 0.34 ? 16 DA  B "C5'"  1 
ATOM   475 C "C4'"  . DA  B 2 7 ? 3.899   4.710   -7.102  1.00 0.28 ? 16 DA  B "C4'"  1 
ATOM   476 O "O4'"  . DA  B 2 7 ? 3.094   3.651   -6.540  1.00 0.23 ? 16 DA  B "O4'"  1 
ATOM   477 C "C3'"  . DA  B 2 7 ? 4.219   4.284   -8.540  1.00 0.40 ? 16 DA  B "C3'"  1 
ATOM   478 O "O3'"  . DA  B 2 7 ? 5.643   4.122   -8.721  1.00 0.71 ? 16 DA  B "O3'"  1 
ATOM   479 C "C2'"  . DA  B 2 7 ? 3.368   3.062   -8.703  1.00 0.30 ? 16 DA  B "C2'"  1 
ATOM   480 C "C1'"  . DA  B 2 7 ? 3.282   2.471   -7.338  1.00 0.19 ? 16 DA  B "C1'"  1 
ATOM   481 N N9     . DA  B 2 7 ? 2.155   1.557   -7.113  1.00 0.05 ? 16 DA  B N9     1 
ATOM   482 C C8     . DA  B 2 7 ? 0.847   1.853   -7.216  1.00 0.14 ? 16 DA  B C8     1 
ATOM   483 N N7     . DA  B 2 7 ? 0.010   1.043   -6.648  1.00 0.26 ? 16 DA  B N7     1 
ATOM   484 C C5     . DA  B 2 7 ? 0.863   0.016   -6.244  1.00 0.24 ? 16 DA  B C5     1 
ATOM   485 C C6     . DA  B 2 7 ? 0.624   -1.217  -5.633  1.00 0.35 ? 16 DA  B C6     1 
ATOM   486 N N6     . DA  B 2 7 ? -0.566  -1.573  -5.166  1.00 0.45 ? 16 DA  B N6     1 
ATOM   487 N N1     . DA  B 2 7 ? 1.667   -2.053  -5.491  1.00 0.35 ? 16 DA  B N1     1 
ATOM   488 C C2     . DA  B 2 7 ? 2.879   -1.673  -5.900  1.00 0.25 ? 16 DA  B C2     1 
ATOM   489 N N3     . DA  B 2 7 ? 3.236   -0.515  -6.433  1.00 0.13 ? 16 DA  B N3     1 
ATOM   490 C C4     . DA  B 2 7 ? 2.167   0.300   -6.565  1.00 0.10 ? 16 DA  B C4     1 
ATOM   491 H "H5'"  . DA  B 2 7 ? 3.093   6.338   -5.957  1.00 0.45 ? 16 DA  B "H5'"  1 
ATOM   492 H "H5''" . DA  B 2 7 ? 4.042   6.827   -7.366  1.00 0.42 ? 16 DA  B "H5''" 1 
ATOM   493 H "H4'"  . DA  B 2 7 ? 4.850   4.741   -6.566  1.00 0.45 ? 16 DA  B "H4'"  1 
ATOM   494 H "H3'"  . DA  B 2 7 ? 3.760   4.905   -9.290  1.00 0.48 ? 16 DA  B "H3'"  1 
ATOM   495 H "H2'"  . DA  B 2 7 ? 2.383   3.369   -9.023  1.00 0.29 ? 16 DA  B "H2'"  1 
ATOM   496 H "H2''" . DA  B 2 7 ? 3.788   2.412   -9.444  1.00 0.37 ? 16 DA  B "H2''" 1 
ATOM   497 H "H1'"  . DA  B 2 7 ? 4.217   1.962   -7.243  1.00 0.26 ? 16 DA  B "H1'"  1 
ATOM   498 H H8     . DA  B 2 7 ? 0.594   2.560   -7.984  1.00 0.25 ? 16 DA  B H8     1 
ATOM   499 H H61    . DA  B 2 7 ? -0.677  -2.472  -4.706  1.00 0.71 ? 16 DA  B H61    1 
ATOM   500 H H62    . DA  B 2 7 ? -1.351  -0.942  -5.237  1.00 1.23 ? 16 DA  B H62    1 
ATOM   501 H H2     . DA  B 2 7 ? 3.693   -2.398  -5.803  1.00 0.30 ? 16 DA  B H2     1 
ATOM   502 P P      . DT  B 2 8 ? 6.354   3.473   -10.024 1.00 0.97 ? 17 DT  B P      1 
ATOM   503 O OP1    . DT  B 2 8 ? 7.791   3.839   -10.008 1.00 2.31 ? 17 DT  B OP1    1 
ATOM   504 O OP2    . DT  B 2 8 ? 5.527   3.770   -11.214 1.00 0.55 ? 17 DT  B OP2    1 
ATOM   505 O "O5'"  . DT  B 2 8 ? 6.222   1.893   -9.707  1.00 0.85 ? 17 DT  B "O5'"  1 
ATOM   506 C "C5'"  . DT  B 2 8 ? 7.140   1.193   -8.846  1.00 0.88 ? 17 DT  B "C5'"  1 
ATOM   507 C "C4'"  . DT  B 2 8 ? 7.015   -0.331  -8.968  1.00 0.72 ? 17 DT  B "C4'"  1 
ATOM   508 O "O4'"  . DT  B 2 8 ? 5.746   -0.827  -8.499  1.00 0.51 ? 17 DT  B "O4'"  1 
ATOM   509 C "C3'"  . DT  B 2 8 ? 7.180   -0.811  -10.416 1.00 0.75 ? 17 DT  B "C3'"  1 
ATOM   510 O "O3'"  . DT  B 2 8 ? 8.147   -1.868  -10.534 1.00 0.80 ? 17 DT  B "O3'"  1 
ATOM   511 C "C2'"  . DT  B 2 8 ? 5.785   -1.254  -10.757 1.00 0.58 ? 17 DT  B "C2'"  1 
ATOM   512 C "C1'"  . DT  B 2 8 ? 5.247   -1.781  -9.445  1.00 0.37 ? 17 DT  B "C1'"  1 
ATOM   513 N N1     . DT  B 2 8 ? 3.774   -1.805  -9.355  1.00 0.24 ? 17 DT  B N1     1 
ATOM   514 C C2     . DT  B 2 8 ? 3.121   -2.941  -8.915  1.00 0.16 ? 17 DT  B C2     1 
ATOM   515 O O2     . DT  B 2 8 ? 3.688   -4.005  -8.694  1.00 0.10 ? 17 DT  B O2     1 
ATOM   516 N N3     . DT  B 2 8 ? 1.766   -2.816  -8.722  1.00 0.30 ? 17 DT  B N3     1 
ATOM   517 C C4     . DT  B 2 8 ? 0.995   -1.714  -9.033  1.00 0.40 ? 17 DT  B C4     1 
ATOM   518 O O4     . DT  B 2 8 ? -0.198  -1.698  -8.741  1.00 0.59 ? 17 DT  B O4     1 
ATOM   519 C C5     . DT  B 2 8 ? 1.757   -0.640  -9.639  1.00 0.35 ? 17 DT  B C5     1 
ATOM   520 C C7     . DT  B 2 8 ? 1.112   0.522   -10.384 1.00 0.48 ? 17 DT  B C7     1 
ATOM   521 C C6     . DT  B 2 8 ? 3.086   -0.678  -9.634  1.00 0.31 ? 17 DT  B C6     1 
ATOM   522 H "H5'"  . DT  B 2 8 ? 6.962   1.475   -7.807  1.00 0.88 ? 17 DT  B "H5'"  1 
ATOM   523 H "H5''" . DT  B 2 8 ? 8.158   1.474   -9.120  1.00 1.05 ? 17 DT  B "H5''" 1 
ATOM   524 H "H4'"  . DT  B 2 8 ? 7.807   -0.799  -8.382  1.00 0.79 ? 17 DT  B "H4'"  1 
ATOM   525 H "H3'"  . DT  B 2 8 ? 7.469   0.008   -11.062 1.00 0.91 ? 17 DT  B "H3'"  1 
ATOM   526 H "H2'"  . DT  B 2 8 ? 5.184   -0.413  -11.110 1.00 0.64 ? 17 DT  B "H2'"  1 
ATOM   527 H "H2''" . DT  B 2 8 ? 5.838   -2.029  -11.507 1.00 0.60 ? 17 DT  B "H2''" 1 
ATOM   528 H "H1'"  . DT  B 2 8 ? 5.669   -2.764  -9.324  1.00 0.32 ? 17 DT  B "H1'"  1 
ATOM   529 H H3     . DT  B 2 8 ? 1.315   -3.610  -8.293  1.00 0.37 ? 17 DT  B H3     1 
ATOM   530 H H71    . DT  B 2 8 ? 1.430   0.476   -11.427 1.00 1.46 ? 17 DT  B H71    1 
ATOM   531 H H72    . DT  B 2 8 ? 1.487   1.454   -9.959  1.00 0.99 ? 17 DT  B H72    1 
ATOM   532 H H73    . DT  B 2 8 ? 0.030   0.478   -10.309 1.00 0.67 ? 17 DT  B H73    1 
ATOM   533 H H6     . DT  B 2 8 ? 3.649   0.230   -9.810  1.00 0.42 ? 17 DT  B H6     1 
ATOM   534 P P      . DG  B 2 9 ? 8.679   -2.450  -11.948 1.00 0.96 ? 18 DG  B P      1 
ATOM   535 O OP1    . DG  B 2 9 ? 10.007  -3.054  -11.696 1.00 2.23 ? 18 DG  B OP1    1 
ATOM   536 O OP2    . DG  B 2 9 ? 8.542   -1.399  -12.984 1.00 0.88 ? 18 DG  B OP2    1 
ATOM   537 O "O5'"  . DG  B 2 9 ? 7.632   -3.643  -12.297 1.00 0.77 ? 18 DG  B "O5'"  1 
ATOM   538 C "C5'"  . DG  B 2 9 ? 7.940   -5.015  -11.978 1.00 0.64 ? 18 DG  B "C5'"  1 
ATOM   539 C "C4'"  . DG  B 2 9 ? 6.925   -6.041  -12.504 1.00 0.61 ? 18 DG  B "C4'"  1 
ATOM   540 O "O4'"  . DG  B 2 9 ? 5.637   -5.929  -11.858 1.00 0.58 ? 18 DG  B "O4'"  1 
ATOM   541 C "C3'"  . DG  B 2 9 ? 6.681   -5.943  -14.021 1.00 0.77 ? 18 DG  B "C3'"  1 
ATOM   542 O "O3'"  . DG  B 2 9 ? 6.564   -7.245  -14.609 1.00 0.85 ? 18 DG  B "O3'"  1 
ATOM   543 C "C2'"  . DG  B 2 9 ? 5.340   -5.273  -14.028 1.00 0.78 ? 18 DG  B "C2'"  1 
ATOM   544 C "C1'"  . DG  B 2 9 ? 4.620   -5.940  -12.869 1.00 0.68 ? 18 DG  B "C1'"  1 
ATOM   545 N N9     . DG  B 2 9 ? 3.439   -5.187  -12.419 1.00 0.65 ? 18 DG  B N9     1 
ATOM   546 C C8     . DG  B 2 9 ? 3.243   -3.846  -12.405 1.00 0.61 ? 18 DG  B C8     1 
ATOM   547 N N7     . DG  B 2 9 ? 2.154   -3.419  -11.845 1.00 0.56 ? 18 DG  B N7     1 
ATOM   548 C C5     . DG  B 2 9 ? 1.559   -4.614  -11.434 1.00 0.60 ? 18 DG  B C5     1 
ATOM   549 C C6     . DG  B 2 9 ? 0.339   -4.830  -10.745 1.00 0.61 ? 18 DG  B C6     1 
ATOM   550 O O6     . DG  B 2 9 ? -0.507  -4.010  -10.406 1.00 0.65 ? 18 DG  B O6     1 
ATOM   551 N N1     . DG  B 2 9 ? 0.142   -6.160  -10.461 1.00 0.65 ? 18 DG  B N1     1 
ATOM   552 C C2     . DG  B 2 9 ? 0.995   -7.170  -10.822 1.00 0.67 ? 18 DG  B C2     1 
ATOM   553 N N2     . DG  B 2 9 ? 0.739   -8.359  -10.306 1.00 0.71 ? 18 DG  B N2     1 
ATOM   554 N N3     . DG  B 2 9 ? 2.063   -7.010  -11.597 1.00 0.69 ? 18 DG  B N3     1 
ATOM   555 C C4     . DG  B 2 9 ? 2.320   -5.697  -11.810 1.00 0.65 ? 18 DG  B C4     1 
ATOM   556 H "H5'"  . DG  B 2 9 ? 8.009   -5.130  -10.896 1.00 0.59 ? 18 DG  B "H5'"  1 
ATOM   557 H "H5''" . DG  B 2 9 ? 8.911   -5.254  -12.414 1.00 0.67 ? 18 DG  B "H5''" 1 
ATOM   558 H "H4'"  . DG  B 2 9 ? 7.314   -7.039  -12.303 1.00 0.57 ? 18 DG  B "H4'"  1 
ATOM   559 H "H3'"  . DG  B 2 9 ? 7.430   -5.332  -14.520 1.00 0.83 ? 18 DG  B "H3'"  1 
ATOM   560 H "HO3'" . DG  B 2 9 ? 7.390   -7.708  -14.454 1.00 0.90 ? 18 DG  B "HO3'" 1 
ATOM   561 H "H2'"  . DG  B 2 9 ? 5.507   -4.215  -13.830 1.00 0.77 ? 18 DG  B "H2'"  1 
ATOM   562 H "H2''" . DG  B 2 9 ? 4.800   -5.405  -14.965 1.00 0.89 ? 18 DG  B "H2''" 1 
ATOM   563 H "H1'"  . DG  B 2 9 ? 4.345   -6.957  -13.142 1.00 0.74 ? 18 DG  B "H1'"  1 
ATOM   564 H H8     . DG  B 2 9 ? 3.990   -3.184  -12.830 1.00 0.65 ? 18 DG  B H8     1 
ATOM   565 H H1     . DG  B 2 9 ? -0.709  -6.376  -9.958  1.00 0.67 ? 18 DG  B H1     1 
ATOM   566 H H21    . DG  B 2 9 ? -0.028  -8.483  -9.652  1.00 0.70 ? 18 DG  B H21    1 
ATOM   567 H H22    . DG  B 2 9 ? 1.343   -9.130  -10.536 1.00 0.75 ? 18 DG  B H22    1 
# 
